data_5ITR
#
_entry.id   5ITR
#
_cell.length_a   73.306
_cell.length_b   109.036
_cell.length_c   169.837
_cell.angle_alpha   90.00
_cell.angle_beta   90.00
_cell.angle_gamma   90.00
#
_symmetry.space_group_name_H-M   'P 21 21 21'
#
loop_
_entity.id
_entity.type
_entity.pdbx_description
1 polymer 'Endonuclease 8-like 1'
2 polymer 'DNA (26-MER)'
3 polymer 'DNA (26-MER)'
4 water water
#
loop_
_entity_poly.entity_id
_entity_poly.type
_entity_poly.pdbx_seq_one_letter_code
_entity_poly.pdbx_strand_id
1 'polypeptide(L)'
;MPEGPELHLASQFVNEACRALVFGGCVEKSSVSRNPEVPFESSAYRISASARGKELRLILSPLPGAQPQQEPLALVFRFG
MSGSFQLVPREELPRHAHLRFYTAPPGPRLALCFVDIRRFGRWDLGGKWQPGRGPCVLQEYQQFRENVLRNLADKAFDRP
ICEALLDQRFFNGIGNYLRAEILYRLKIPPFEKARSVLEALQQHRPSPELTLSQKIRTKLQNPDLLELCHSVPKEVVQLG
GRGYGSESGEEDFAAFRAWLRCYGMPGMSSLQDRHGRTIWFQGDPGPLAPKGRKSRKKKSKATQLSPEDRVEDALPPSKA
PSRTRRAKRDLPKRTATQRPEGTSLQQDPEAPTVPKKGRRKGRQAASGHCRPRKVKADIPSLEPEGTSASAALGHHHHHH
;
A,B,C
2 'polydeoxyribonucleotide'
;(DC)(DG)(DT)(DC)(DC)(DA)(DC)(DG)(DT)(DC)(DT)(DA)(DC)(DT)(DA)(DG)(DA)(DC)(DC)(DT)
(DG)(DG)(DA)(DC)(DG)(DG)
;
D,E
3 'polydeoxyribonucleotide'
;(DC)(DG)(DT)(DC)(DC)(DA)(DC)(DG)(DT)(DC)(DT)(DA)(DC)(DT)(DA)(DG)(DA)(DC)(DC)(DT)
(DG)(DG)(DG)(DC)(DG)(DG)
;
F
#
loop_
_chem_comp.id
_chem_comp.type
_chem_comp.name
_chem_comp.formula
DA DNA linking 2'-DEOXYADENOSINE-5'-MONOPHOSPHATE 'C10 H14 N5 O6 P'
DC DNA linking 2'-DEOXYCYTIDINE-5'-MONOPHOSPHATE 'C9 H14 N3 O7 P'
DG DNA linking 2'-DEOXYGUANOSINE-5'-MONOPHOSPHATE 'C10 H14 N5 O7 P'
DT DNA linking THYMIDINE-5'-MONOPHOSPHATE 'C10 H15 N2 O8 P'
#
# COMPACT_ATOMS: atom_id res chain seq x y z
N PRO A 2 -4.57 24.88 9.76
CA PRO A 2 -4.44 23.65 10.63
C PRO A 2 -3.13 22.84 10.49
N GLU A 3 -2.44 22.65 11.61
CA GLU A 3 -1.45 21.63 11.71
C GLU A 3 -2.02 20.45 12.45
N GLY A 4 -1.16 19.44 12.64
CA GLY A 4 -1.66 18.16 13.12
C GLY A 4 -2.47 18.31 14.37
N PRO A 5 -2.04 19.11 15.28
CA PRO A 5 -2.85 19.19 16.50
C PRO A 5 -4.29 19.74 16.28
N GLU A 6 -4.45 20.60 15.28
CA GLU A 6 -5.71 21.30 15.01
C GLU A 6 -6.61 20.29 14.33
N LEU A 7 -5.99 19.50 13.43
CA LEU A 7 -6.72 18.41 12.82
C LEU A 7 -7.25 17.49 13.90
N HIS A 8 -6.42 17.17 14.84
CA HIS A 8 -6.86 16.22 15.87
C HIS A 8 -7.99 16.82 16.70
N LEU A 9 -7.83 18.10 17.09
CA LEU A 9 -8.80 18.78 17.96
C LEU A 9 -10.12 18.93 17.26
N ALA A 10 -10.07 19.26 15.99
CA ALA A 10 -11.23 19.27 15.12
C ALA A 10 -12.00 17.85 15.03
N SER A 11 -11.25 16.78 15.00
CA SER A 11 -11.89 15.49 14.88
C SER A 11 -12.47 15.19 16.20
N GLN A 12 -11.91 15.67 17.24
CA GLN A 12 -12.45 15.35 18.52
C GLN A 12 -13.56 16.29 18.85
N PHE A 13 -13.68 17.36 18.10
CA PHE A 13 -14.74 18.26 18.38
C PHE A 13 -16.02 17.71 17.71
N VAL A 14 -15.86 17.30 16.45
CA VAL A 14 -16.89 16.61 15.70
C VAL A 14 -17.45 15.44 16.47
N ASN A 15 -16.59 14.66 17.07
CA ASN A 15 -17.07 13.53 17.82
C ASN A 15 -17.79 13.93 19.08
N GLU A 16 -17.27 14.89 19.80
CA GLU A 16 -18.02 15.34 20.99
C GLU A 16 -19.30 16.10 20.61
N ALA A 17 -19.25 16.95 19.61
CA ALA A 17 -20.39 17.83 19.38
C ALA A 17 -21.45 17.05 18.69
N CYS A 18 -21.10 15.93 18.04
CA CYS A 18 -22.14 15.18 17.37
C CYS A 18 -22.51 13.95 18.14
N ARG A 19 -21.98 13.79 19.34
CA ARG A 19 -22.36 12.60 20.08
C ARG A 19 -23.83 12.28 20.14
N ALA A 20 -24.63 13.30 20.34
CA ALA A 20 -26.08 13.08 20.55
C ALA A 20 -26.87 13.65 19.42
N LEU A 21 -26.25 13.97 18.30
CA LEU A 21 -27.02 14.43 17.16
C LEU A 21 -27.27 13.35 16.17
N VAL A 22 -28.41 13.46 15.52
CA VAL A 22 -28.73 12.72 14.36
C VAL A 22 -28.92 13.68 13.21
N PHE A 23 -28.24 13.40 12.10
CA PHE A 23 -28.39 14.14 10.88
C PHE A 23 -29.28 13.39 9.93
N GLY A 24 -29.66 14.15 8.90
CA GLY A 24 -30.65 13.75 7.94
C GLY A 24 -30.59 14.62 6.74
N GLY A 25 -30.87 14.07 5.58
CA GLY A 25 -30.92 14.82 4.36
C GLY A 25 -29.69 14.63 3.54
N CYS A 26 -29.33 15.67 2.81
CA CYS A 26 -28.21 15.60 1.90
C CYS A 26 -27.04 16.28 2.53
N VAL A 27 -25.92 16.16 1.80
CA VAL A 27 -24.68 16.81 2.13
C VAL A 27 -24.53 17.95 1.15
N GLU A 28 -24.62 19.17 1.66
CA GLU A 28 -24.67 20.33 0.78
C GLU A 28 -23.38 21.09 0.69
N LYS A 29 -22.88 21.19 -0.53
CA LYS A 29 -21.68 21.90 -0.82
C LYS A 29 -22.04 23.28 -1.31
N SER A 30 -21.38 24.29 -0.74
CA SER A 30 -21.64 25.67 -1.12
C SER A 30 -21.26 25.92 -2.57
N SER A 31 -21.83 26.97 -3.15
CA SER A 31 -21.56 27.32 -4.55
C SER A 31 -20.07 27.50 -4.78
N VAL A 32 -19.69 27.62 -6.06
CA VAL A 32 -18.29 27.79 -6.43
C VAL A 32 -17.39 26.85 -5.65
N SER A 33 -17.92 25.69 -5.28
CA SER A 33 -17.16 24.70 -4.53
C SER A 33 -16.42 23.75 -5.47
N ARG A 34 -15.17 24.06 -5.76
CA ARG A 34 -14.36 23.23 -6.65
C ARG A 34 -14.38 21.77 -6.20
N ASN A 35 -14.38 21.55 -4.89
CA ASN A 35 -14.40 20.24 -4.35
C ASN A 35 -15.64 19.50 -4.83
N PRO A 36 -15.61 18.19 -4.78
CA PRO A 36 -16.67 17.44 -5.37
C PRO A 36 -17.91 17.42 -4.54
N GLU A 37 -19.06 17.32 -5.18
CA GLU A 37 -20.28 17.06 -4.45
C GLU A 37 -20.16 15.70 -3.77
N VAL A 38 -20.85 15.62 -2.64
CA VAL A 38 -20.85 14.45 -1.87
C VAL A 38 -22.16 13.71 -2.11
N PRO A 39 -22.13 12.62 -2.90
CA PRO A 39 -23.35 11.92 -3.17
C PRO A 39 -23.70 11.09 -1.94
N PHE A 40 -24.60 11.60 -1.12
CA PHE A 40 -24.95 10.88 0.08
C PHE A 40 -26.24 11.49 0.59
N GLU A 41 -27.31 10.68 0.70
CA GLU A 41 -28.56 11.03 1.35
C GLU A 41 -28.98 9.97 2.36
N SER A 42 -29.39 10.39 3.57
CA SER A 42 -30.01 9.43 4.51
C SER A 42 -30.90 10.14 5.51
N SER A 43 -32.03 9.52 5.85
CA SER A 43 -33.03 10.19 6.69
C SER A 43 -32.62 10.31 8.14
N ALA A 44 -31.64 9.53 8.50
CA ALA A 44 -31.10 9.58 9.84
C ALA A 44 -29.67 8.95 9.86
N TYR A 45 -28.62 9.79 10.09
CA TYR A 45 -27.22 9.37 10.15
C TYR A 45 -26.39 10.10 11.26
N ARG A 46 -25.34 9.44 11.70
CA ARG A 46 -24.51 9.88 12.78
C ARG A 46 -23.17 10.16 12.14
N ILE A 47 -22.43 11.10 12.70
CA ILE A 47 -21.18 11.50 12.16
C ILE A 47 -20.10 11.37 13.20
N SER A 48 -18.97 10.81 12.71
CA SER A 48 -17.77 10.65 13.55
C SER A 48 -16.50 10.95 12.83
N ALA A 49 -15.42 11.04 13.57
CA ALA A 49 -14.21 11.39 12.90
C ALA A 49 -12.98 10.83 13.54
N SER A 50 -11.93 10.90 12.76
CA SER A 50 -10.66 10.57 13.30
C SER A 50 -9.67 11.38 12.48
N ALA A 51 -8.52 11.58 13.06
CA ALA A 51 -7.47 12.34 12.42
C ALA A 51 -6.24 11.49 12.21
N ARG A 52 -5.50 11.82 11.15
CA ARG A 52 -4.20 11.31 10.93
C ARG A 52 -3.34 12.35 10.30
N GLY A 53 -2.32 12.80 11.03
CA GLY A 53 -1.47 13.80 10.48
C GLY A 53 -2.27 15.05 10.25
N LYS A 54 -2.04 15.60 9.09
CA LYS A 54 -2.73 16.80 8.67
C LYS A 54 -4.01 16.44 7.90
N GLU A 55 -4.57 15.24 8.12
CA GLU A 55 -5.85 14.88 7.50
C GLU A 55 -6.88 14.50 8.50
N LEU A 56 -8.14 14.59 8.09
CA LEU A 56 -9.23 14.27 8.99
C LEU A 56 -10.22 13.45 8.21
N ARG A 57 -10.69 12.39 8.80
CA ARG A 57 -11.64 11.53 8.09
C ARG A 57 -13.04 11.69 8.74
N LEU A 58 -14.08 12.00 7.98
CA LEU A 58 -15.41 11.90 8.57
C LEU A 58 -16.06 10.64 8.18
N ILE A 59 -16.76 10.01 9.13
CA ILE A 59 -17.63 8.90 8.78
C ILE A 59 -19.13 9.20 8.99
N LEU A 60 -19.87 9.13 7.88
CA LEU A 60 -21.33 9.22 7.86
C LEU A 60 -21.97 7.83 7.96
N SER A 61 -22.72 7.63 9.04
CA SER A 61 -23.24 6.33 9.34
C SER A 61 -24.73 6.28 9.55
N PRO A 62 -25.48 5.84 8.52
CA PRO A 62 -26.92 5.68 8.56
C PRO A 62 -27.37 4.95 9.77
N LEU A 63 -28.42 5.37 10.46
CA LEU A 63 -28.93 4.55 11.52
C LEU A 63 -29.67 3.32 10.94
N PRO A 64 -29.99 2.34 11.79
CA PRO A 64 -30.75 1.20 11.25
C PRO A 64 -32.12 1.67 10.75
N GLY A 65 -32.41 1.23 9.53
CA GLY A 65 -33.63 1.53 8.88
C GLY A 65 -33.62 2.82 8.12
N ALA A 66 -32.56 3.60 8.16
CA ALA A 66 -32.63 4.87 7.44
C ALA A 66 -32.93 4.63 5.96
N GLN A 67 -33.47 5.66 5.32
CA GLN A 67 -33.82 5.59 3.89
C GLN A 67 -33.09 6.69 3.14
N PRO A 68 -33.12 6.57 1.81
CA PRO A 68 -32.39 5.60 1.00
C PRO A 68 -31.56 4.65 1.79
N GLN A 69 -31.32 3.49 1.19
CA GLN A 69 -30.28 2.61 1.72
C GLN A 69 -28.97 3.33 1.47
N GLN A 70 -28.11 3.29 2.47
CA GLN A 70 -26.80 3.88 2.34
C GLN A 70 -25.86 2.94 3.05
N GLU A 71 -24.74 2.68 2.43
CA GLU A 71 -23.62 2.19 3.19
C GLU A 71 -22.97 3.41 3.82
N PRO A 72 -22.41 3.24 5.04
CA PRO A 72 -21.62 4.28 5.69
C PRO A 72 -20.72 4.90 4.67
N LEU A 73 -20.60 6.24 4.63
CA LEU A 73 -19.63 6.85 3.74
C LEU A 73 -18.48 7.58 4.50
N ALA A 74 -17.27 7.53 3.93
CA ALA A 74 -16.16 8.20 4.51
C ALA A 74 -15.68 9.34 3.62
N LEU A 75 -15.29 10.43 4.25
CA LEU A 75 -14.70 11.59 3.54
C LEU A 75 -13.44 12.09 4.21
N VAL A 76 -12.45 12.38 3.42
CA VAL A 76 -11.19 12.75 3.98
C VAL A 76 -10.97 14.16 3.57
N PHE A 77 -10.66 14.98 4.56
CA PHE A 77 -10.41 16.38 4.41
C PHE A 77 -8.94 16.75 4.67
N ARG A 78 -8.41 17.69 3.90
CA ARG A 78 -7.27 18.51 4.26
C ARG A 78 -7.69 19.98 4.45
N PHE A 79 -7.04 20.66 5.40
CA PHE A 79 -7.54 21.96 5.83
C PHE A 79 -6.90 23.15 5.16
N GLY A 80 -5.85 22.96 4.41
CA GLY A 80 -5.12 24.10 3.82
C GLY A 80 -4.66 25.08 4.87
N MET A 81 -4.71 26.40 4.58
CA MET A 81 -4.35 27.40 5.54
C MET A 81 -5.45 27.82 6.47
N SER A 82 -6.71 27.43 6.23
CA SER A 82 -7.77 27.92 7.13
C SER A 82 -8.93 26.96 7.42
N GLY A 83 -8.87 25.73 6.96
CA GLY A 83 -9.93 24.82 7.23
C GLY A 83 -10.28 24.70 8.68
N SER A 84 -11.54 24.38 8.97
CA SER A 84 -11.99 24.23 10.35
C SER A 84 -13.37 23.62 10.25
N PHE A 85 -13.94 23.27 11.41
CA PHE A 85 -15.27 22.79 11.48
C PHE A 85 -16.03 23.51 12.52
N GLN A 86 -17.33 23.70 12.27
CA GLN A 86 -18.14 24.40 13.19
C GLN A 86 -19.49 23.71 13.17
N LEU A 87 -20.06 23.65 14.36
CA LEU A 87 -21.40 23.32 14.55
C LEU A 87 -22.15 24.68 14.74
N VAL A 88 -23.04 25.04 13.82
CA VAL A 88 -23.86 26.27 13.97
C VAL A 88 -25.37 26.11 13.76
N PRO A 89 -26.16 27.10 14.28
CA PRO A 89 -27.63 27.11 14.04
C PRO A 89 -27.84 27.11 12.52
N ARG A 90 -28.75 26.25 12.07
CA ARG A 90 -28.96 25.99 10.64
C ARG A 90 -28.98 27.25 9.76
N GLU A 91 -29.54 28.35 10.27
CA GLU A 91 -29.70 29.60 9.47
C GLU A 91 -28.63 30.67 9.68
N GLU A 92 -27.89 30.53 10.78
CA GLU A 92 -26.75 31.37 11.09
C GLU A 92 -25.40 30.76 10.61
N LEU A 93 -25.42 30.36 9.36
CA LEU A 93 -24.28 29.79 8.69
C LEU A 93 -23.16 30.78 8.65
N PRO A 94 -21.98 30.37 9.12
CA PRO A 94 -20.80 31.25 9.13
C PRO A 94 -19.94 31.06 7.89
N ARG A 95 -20.13 31.92 6.89
CA ARG A 95 -19.36 31.83 5.66
C ARG A 95 -17.87 31.74 5.94
N HIS A 96 -17.11 31.12 5.04
CA HIS A 96 -17.64 30.52 3.82
C HIS A 96 -17.81 29.01 3.97
N ALA A 97 -18.81 28.62 4.75
CA ALA A 97 -19.09 27.22 4.98
C ALA A 97 -19.25 26.56 3.65
N HIS A 98 -18.28 25.78 3.24
CA HIS A 98 -18.31 25.15 1.93
C HIS A 98 -18.89 23.75 1.90
N LEU A 99 -19.09 23.13 3.05
CA LEU A 99 -19.74 21.85 3.05
C LEU A 99 -20.53 21.76 4.31
N ARG A 100 -21.76 21.24 4.20
CA ARG A 100 -22.74 21.35 5.25
C ARG A 100 -23.52 20.05 5.49
N PHE A 101 -23.67 19.70 6.76
CA PHE A 101 -24.37 18.52 7.18
C PHE A 101 -25.36 19.02 8.19
N TYR A 102 -26.63 18.64 8.01
CA TYR A 102 -27.80 19.24 8.71
C TYR A 102 -28.43 18.30 9.71
N THR A 103 -28.64 18.74 10.92
CA THR A 103 -29.32 17.88 11.83
C THR A 103 -30.75 17.59 11.39
N ALA A 104 -31.32 16.57 12.01
CA ALA A 104 -32.63 16.12 11.67
C ALA A 104 -33.51 16.59 12.81
N PRO A 105 -34.81 16.86 12.53
CA PRO A 105 -35.84 17.54 13.31
C PRO A 105 -35.98 17.35 14.80
N PRO A 106 -35.98 16.12 15.29
CA PRO A 106 -36.11 16.14 16.78
C PRO A 106 -35.03 17.05 17.44
N GLY A 107 -35.36 18.34 17.61
CA GLY A 107 -34.47 19.33 18.26
C GLY A 107 -34.24 20.65 17.52
N PRO A 108 -33.35 21.49 18.06
CA PRO A 108 -32.92 22.69 17.35
C PRO A 108 -32.04 22.32 16.16
N ARG A 109 -32.29 22.97 15.01
CA ARG A 109 -31.72 22.60 13.74
C ARG A 109 -30.33 23.17 13.59
N LEU A 110 -29.29 22.29 13.41
CA LEU A 110 -27.90 22.78 13.35
C LEU A 110 -27.27 22.47 12.03
N ALA A 111 -26.22 23.17 11.68
CA ALA A 111 -25.41 22.67 10.58
C ALA A 111 -23.98 22.49 10.98
N LEU A 112 -23.44 21.27 10.85
CA LEU A 112 -21.94 21.05 10.98
C LEU A 112 -21.31 21.52 9.67
N CYS A 113 -20.40 22.45 9.73
CA CYS A 113 -19.87 22.99 8.52
C CYS A 113 -18.40 22.86 8.49
N PHE A 114 -17.92 22.51 7.31
CA PHE A 114 -16.54 22.66 7.02
C PHE A 114 -16.37 24.07 6.52
N VAL A 115 -15.68 24.92 7.29
CA VAL A 115 -15.51 26.33 7.04
C VAL A 115 -14.07 26.66 6.64
N ASP A 116 -13.91 27.16 5.43
CA ASP A 116 -12.61 27.44 4.90
C ASP A 116 -12.49 28.76 4.10
N ILE A 117 -12.04 29.79 4.78
CA ILE A 117 -11.97 31.12 4.18
C ILE A 117 -11.17 31.09 2.89
N ARG A 118 -9.92 30.63 2.91
CA ARG A 118 -9.07 30.78 1.72
C ARG A 118 -9.31 29.69 0.68
N ARG A 119 -10.05 28.63 1.05
CA ARG A 119 -10.43 27.57 0.08
C ARG A 119 -9.24 26.80 -0.45
N PHE A 120 -8.26 26.63 0.41
CA PHE A 120 -7.07 25.83 0.12
C PHE A 120 -7.29 24.36 0.54
N GLY A 121 -8.29 24.13 1.39
CA GLY A 121 -8.68 22.81 1.77
C GLY A 121 -9.22 21.99 0.63
N ARG A 122 -9.22 20.68 0.81
CA ARG A 122 -9.73 19.77 -0.20
C ARG A 122 -10.50 18.69 0.53
N TRP A 123 -11.43 18.04 -0.15
CA TRP A 123 -11.87 16.72 0.26
C TRP A 123 -11.94 15.82 -0.93
N ASP A 124 -11.88 14.53 -0.66
CA ASP A 124 -12.02 13.55 -1.72
C ASP A 124 -12.92 12.44 -1.24
N LEU A 125 -13.57 11.85 -2.23
CA LEU A 125 -14.51 10.80 -2.01
C LEU A 125 -13.70 9.51 -1.91
N GLY A 126 -14.07 8.68 -0.95
CA GLY A 126 -13.24 7.55 -0.63
C GLY A 126 -12.69 8.00 0.70
N GLY A 127 -12.76 7.10 1.65
CA GLY A 127 -12.23 7.44 2.94
C GLY A 127 -10.77 7.17 3.02
N LYS A 128 -10.01 7.36 1.96
CA LYS A 128 -8.60 6.96 1.97
C LYS A 128 -7.65 8.11 2.34
N TRP A 129 -6.70 7.79 3.22
CA TRP A 129 -5.57 8.67 3.57
C TRP A 129 -4.76 8.90 2.33
N GLN A 130 -4.06 10.00 2.25
CA GLN A 130 -3.48 10.36 0.99
C GLN A 130 -2.31 9.41 0.75
N PRO A 131 -2.25 8.83 -0.44
CA PRO A 131 -1.16 7.90 -0.56
C PRO A 131 0.07 8.73 -0.51
N GLY A 132 1.08 8.21 0.15
CA GLY A 132 2.30 8.94 0.29
C GLY A 132 2.42 9.70 1.60
N ARG A 133 1.35 10.09 2.28
CA ARG A 133 1.60 10.71 3.58
C ARG A 133 2.15 9.65 4.52
N GLY A 134 3.17 10.01 5.24
CA GLY A 134 3.76 9.12 6.24
C GLY A 134 2.76 9.02 7.35
N PRO A 135 3.10 8.25 8.37
CA PRO A 135 2.19 8.06 9.50
C PRO A 135 2.12 9.29 10.39
N CYS A 136 1.09 9.28 11.25
CA CYS A 136 0.74 10.41 12.06
C CYS A 136 1.72 10.51 13.21
N VAL A 137 2.32 11.71 13.36
CA VAL A 137 3.28 11.92 14.48
C VAL A 137 2.64 11.87 15.82
N LEU A 138 1.32 12.04 15.89
CA LEU A 138 0.68 11.96 17.21
C LEU A 138 0.22 10.59 17.50
N GLN A 139 -0.35 9.93 16.52
CA GLN A 139 -1.14 8.75 16.77
C GLN A 139 -0.46 7.46 16.37
N GLU A 140 0.61 7.57 15.59
CA GLU A 140 1.35 6.44 15.08
C GLU A 140 2.85 6.66 15.22
N TYR A 141 3.26 6.99 16.43
CA TYR A 141 4.61 7.48 16.67
C TYR A 141 5.66 6.49 16.20
N GLN A 142 5.55 5.29 16.69
CA GLN A 142 6.56 4.27 16.45
C GLN A 142 6.65 4.02 14.95
N GLN A 143 5.52 3.99 14.28
CA GLN A 143 5.56 3.82 12.86
C GLN A 143 6.23 5.01 12.22
N PHE A 144 5.88 6.20 12.75
CA PHE A 144 6.42 7.43 12.21
C PHE A 144 7.91 7.42 12.35
N ARG A 145 8.37 7.14 13.55
CA ARG A 145 9.79 7.05 13.83
C ARG A 145 10.52 6.06 12.89
N GLU A 146 9.97 4.86 12.72
CA GLU A 146 10.62 3.89 11.84
C GLU A 146 10.66 4.40 10.42
N ASN A 147 9.58 4.92 9.93
CA ASN A 147 9.57 5.34 8.57
C ASN A 147 10.58 6.39 8.32
N VAL A 148 10.94 7.17 9.32
CA VAL A 148 12.06 8.10 9.13
C VAL A 148 13.39 7.37 9.10
N LEU A 149 13.68 6.56 10.11
CA LEU A 149 15.03 6.01 10.28
C LEU A 149 15.42 4.95 9.21
N ARG A 150 14.47 4.11 8.81
CA ARG A 150 14.61 3.21 7.65
C ARG A 150 14.82 3.95 6.32
N ASN A 151 14.75 5.29 6.25
CA ASN A 151 14.74 5.99 4.92
C ASN A 151 15.60 7.19 4.78
N LEU A 152 16.65 7.27 5.58
CA LEU A 152 17.51 8.42 5.52
C LEU A 152 18.25 8.57 4.18
N ALA A 153 18.32 7.50 3.41
CA ALA A 153 18.99 7.61 2.14
C ALA A 153 18.19 8.55 1.25
N ASP A 154 16.88 8.59 1.47
CA ASP A 154 16.01 9.44 0.67
C ASP A 154 16.53 10.84 0.51
N LYS A 155 16.54 11.30 -0.72
CA LYS A 155 17.06 12.63 -0.98
C LYS A 155 16.29 13.75 -0.27
N ALA A 156 15.15 13.42 0.33
CA ALA A 156 14.44 14.43 1.12
C ALA A 156 15.31 14.82 2.22
N PHE A 157 16.20 13.91 2.63
CA PHE A 157 17.03 14.24 3.76
C PHE A 157 18.31 14.99 3.47
N ASP A 158 18.52 15.36 2.22
CA ASP A 158 19.66 16.18 1.87
C ASP A 158 19.35 17.61 2.22
N ARG A 159 18.07 17.91 2.46
CA ARG A 159 17.64 19.29 2.65
C ARG A 159 17.84 19.70 4.11
N PRO A 160 17.78 21.01 4.37
CA PRO A 160 17.80 21.50 5.73
C PRO A 160 16.74 20.83 6.61
N ILE A 161 17.04 20.70 7.88
CA ILE A 161 16.15 19.98 8.71
C ILE A 161 14.86 20.76 8.78
N CYS A 162 14.94 22.10 8.72
CA CYS A 162 13.69 22.87 8.82
C CYS A 162 12.76 22.55 7.65
N GLU A 163 13.30 22.25 6.48
CA GLU A 163 12.47 21.92 5.29
C GLU A 163 11.93 20.49 5.30
N ALA A 164 12.84 19.56 5.57
CA ALA A 164 12.49 18.14 5.72
C ALA A 164 11.39 17.95 6.69
N LEU A 165 11.33 18.74 7.75
CA LEU A 165 10.26 18.65 8.76
C LEU A 165 8.86 19.01 8.19
N LEU A 166 8.82 19.70 7.06
CA LEU A 166 7.53 19.94 6.44
C LEU A 166 7.16 18.89 5.43
N ASP A 167 8.08 17.98 5.11
CA ASP A 167 7.78 16.97 4.13
C ASP A 167 6.79 16.03 4.76
N GLN A 168 5.58 15.94 4.21
CA GLN A 168 4.53 15.16 4.80
C GLN A 168 4.65 13.66 4.50
N ARG A 169 5.60 13.30 3.65
CA ARG A 169 5.90 11.90 3.47
C ARG A 169 6.53 11.31 4.70
N PHE A 170 7.24 12.09 5.52
CA PHE A 170 7.84 11.53 6.79
C PHE A 170 7.46 12.25 8.07
N PHE A 171 6.95 13.48 7.92
CA PHE A 171 6.46 14.24 9.07
C PHE A 171 5.01 14.74 8.97
N ASN A 172 4.09 13.79 8.79
CA ASN A 172 2.68 14.01 8.50
C ASN A 172 2.08 14.60 9.72
N GLY A 173 1.72 15.88 9.64
CA GLY A 173 1.20 16.61 10.77
C GLY A 173 2.04 17.80 11.19
N ILE A 174 3.30 17.86 10.77
CA ILE A 174 4.18 18.92 11.23
C ILE A 174 4.05 20.09 10.25
N GLY A 175 3.76 21.28 10.81
CA GLY A 175 3.69 22.48 10.02
C GLY A 175 4.64 23.55 10.54
N ASN A 176 4.33 24.78 10.13
CA ASN A 176 5.34 25.81 10.22
C ASN A 176 5.57 26.29 11.63
N TYR A 177 4.54 26.30 12.45
CA TYR A 177 4.79 26.65 13.81
C TYR A 177 5.43 25.52 14.53
N LEU A 178 5.01 24.29 14.27
CA LEU A 178 5.65 23.16 15.01
C LEU A 178 7.11 22.97 14.69
N ARG A 179 7.53 23.15 13.44
CA ARG A 179 8.93 23.04 13.14
C ARG A 179 9.81 24.01 13.92
N ALA A 180 9.35 25.26 14.06
CA ALA A 180 10.12 26.20 14.84
C ALA A 180 10.15 25.72 16.27
N GLU A 181 9.01 25.38 16.84
CA GLU A 181 8.99 24.99 18.24
C GLU A 181 9.84 23.72 18.46
N ILE A 182 9.85 22.81 17.50
CA ILE A 182 10.53 21.56 17.72
C ILE A 182 12.03 21.83 17.78
N LEU A 183 12.53 22.55 16.77
CA LEU A 183 13.93 22.92 16.63
C LEU A 183 14.43 23.79 17.75
N TYR A 184 13.55 24.53 18.33
CA TYR A 184 13.91 25.46 19.37
C TYR A 184 14.10 24.71 20.66
N ARG A 185 13.22 23.81 20.96
CA ARG A 185 13.39 23.01 22.14
C ARG A 185 14.82 22.39 22.24
N LEU A 186 15.43 22.01 21.11
CA LEU A 186 16.76 21.37 21.09
C LEU A 186 17.89 22.27 20.56
N LYS A 187 17.59 23.52 20.27
CA LYS A 187 18.59 24.39 19.70
C LYS A 187 19.26 23.75 18.50
N ILE A 188 18.50 23.06 17.67
CA ILE A 188 19.12 22.57 16.47
C ILE A 188 19.00 23.70 15.47
N PRO A 189 20.11 24.15 14.92
CA PRO A 189 19.94 25.13 13.88
C PRO A 189 19.04 24.67 12.76
N PRO A 190 18.16 25.55 12.27
CA PRO A 190 17.19 25.17 11.34
C PRO A 190 17.76 24.73 10.04
N PHE A 191 18.98 25.16 9.77
CA PHE A 191 19.63 24.86 8.48
C PHE A 191 20.81 23.91 8.62
N GLU A 192 20.91 23.24 9.75
CA GLU A 192 21.62 22.01 9.71
C GLU A 192 20.97 21.06 8.73
N LYS A 193 21.82 20.21 8.15
CA LYS A 193 21.38 19.14 7.27
C LYS A 193 20.62 18.05 8.01
N ALA A 194 19.52 17.62 7.40
CA ALA A 194 18.55 16.75 8.04
C ALA A 194 19.13 15.45 8.34
N ARG A 195 19.76 14.87 7.34
CA ARG A 195 20.43 13.60 7.51
C ARG A 195 21.46 13.64 8.63
N SER A 196 22.19 14.72 8.76
CA SER A 196 23.17 14.73 9.88
C SER A 196 22.47 14.67 11.24
N VAL A 197 21.36 15.38 11.38
CA VAL A 197 20.68 15.46 12.66
C VAL A 197 19.96 14.18 12.98
N LEU A 198 19.48 13.48 11.95
CA LEU A 198 18.80 12.21 12.10
C LEU A 198 19.70 10.96 12.21
N GLU A 199 20.78 10.91 11.43
CA GLU A 199 21.69 9.77 11.46
C GLU A 199 22.21 9.52 12.87
N ALA A 200 22.22 10.58 13.69
CA ALA A 200 22.70 10.48 15.06
C ALA A 200 21.86 9.49 15.87
N LEU A 201 20.63 9.28 15.43
CA LEU A 201 19.72 8.37 16.12
C LEU A 201 19.66 7.02 15.40
N GLN A 202 20.18 6.97 14.19
CA GLN A 202 20.18 5.75 13.41
C GLN A 202 20.26 6.05 11.92
N PRO A 223 14.96 13.86 25.43
CA PRO A 223 14.21 13.45 24.22
C PRO A 223 14.89 13.92 22.95
N ASP A 224 14.90 13.10 21.91
CA ASP A 224 15.53 13.49 20.68
C ASP A 224 14.48 14.12 19.73
N LEU A 225 14.90 14.47 18.54
CA LEU A 225 14.10 15.23 17.61
C LEU A 225 12.87 14.45 17.20
N LEU A 226 13.04 13.15 16.88
CA LEU A 226 11.87 12.39 16.51
C LEU A 226 10.92 12.27 17.70
N GLU A 227 11.38 12.22 18.95
CA GLU A 227 10.41 12.19 20.05
C GLU A 227 9.64 13.55 20.17
N LEU A 228 10.30 14.65 19.89
CA LEU A 228 9.68 15.93 20.11
C LEU A 228 8.67 16.19 19.01
N CYS A 229 8.89 15.62 17.82
CA CYS A 229 7.88 15.59 16.76
C CYS A 229 6.54 14.97 17.14
N HIS A 230 6.57 14.13 18.13
CA HIS A 230 5.36 13.60 18.70
C HIS A 230 4.91 14.42 19.89
N SER A 231 5.75 14.64 20.89
CA SER A 231 5.26 15.20 22.17
C SER A 231 5.02 16.73 22.16
N VAL A 232 5.70 17.42 21.27
CA VAL A 232 5.44 18.84 21.09
C VAL A 232 4.05 19.04 20.51
N PRO A 233 3.75 18.46 19.35
CA PRO A 233 2.35 18.60 18.91
C PRO A 233 1.39 18.03 19.90
N LYS A 234 1.80 17.04 20.65
CA LYS A 234 0.92 16.55 21.68
C LYS A 234 0.61 17.59 22.75
N GLU A 235 1.55 18.43 23.12
CA GLU A 235 1.31 19.42 24.16
C GLU A 235 0.15 20.36 23.75
N VAL A 236 0.06 20.63 22.46
CA VAL A 236 -0.94 21.55 21.94
C VAL A 236 -2.30 20.97 22.04
N VAL A 237 -2.37 19.66 21.73
CA VAL A 237 -3.61 18.91 21.90
C VAL A 237 -4.03 18.99 23.38
N GLN A 238 -3.11 19.02 24.32
CA GLN A 238 -3.63 18.94 25.67
C GLN A 238 -4.00 20.28 26.16
N LEU A 239 -3.50 21.33 25.53
CA LEU A 239 -4.08 22.62 25.82
C LEU A 239 -5.57 22.58 25.54
N GLY A 240 -6.05 21.62 24.77
CA GLY A 240 -7.44 21.69 24.31
C GLY A 240 -7.68 22.93 23.43
N GLY A 241 -8.94 23.24 23.20
CA GLY A 241 -9.29 24.45 22.49
C GLY A 241 -9.20 24.25 20.99
N ARG A 242 -8.77 25.30 20.30
CA ARG A 242 -8.64 25.30 18.83
C ARG A 242 -7.21 25.43 18.32
N GLY A 243 -6.23 25.45 19.22
CA GLY A 243 -4.83 25.60 18.81
C GLY A 243 -4.63 26.85 17.99
N TYR A 244 -3.79 26.74 16.95
CA TYR A 244 -3.50 27.87 16.06
C TYR A 244 -4.79 28.56 15.59
N GLY A 245 -5.81 27.79 15.27
CA GLY A 245 -7.10 28.37 14.84
C GLY A 245 -7.82 29.38 15.75
N SER A 246 -7.44 29.42 17.03
CA SER A 246 -8.08 30.23 18.08
C SER A 246 -8.19 31.73 17.75
N GLU A 247 -9.28 32.37 18.16
CA GLU A 247 -9.52 33.78 17.86
C GLU A 247 -9.14 34.75 18.97
N SER A 248 -8.62 35.91 18.58
CA SER A 248 -8.15 36.87 19.56
C SER A 248 -9.18 37.14 20.61
N GLY A 249 -8.74 37.21 21.85
CA GLY A 249 -9.63 37.50 22.93
C GLY A 249 -10.33 36.25 23.37
N GLU A 250 -10.37 35.26 22.49
CA GLU A 250 -10.92 33.99 22.88
C GLU A 250 -9.96 33.47 23.92
N GLU A 251 -10.46 32.61 24.77
CA GLU A 251 -9.71 32.11 25.89
C GLU A 251 -8.61 31.11 25.52
N ASP A 252 -8.79 30.40 24.42
CA ASP A 252 -7.86 29.36 24.06
C ASP A 252 -6.76 29.95 23.22
N PHE A 253 -6.99 31.16 22.78
CA PHE A 253 -5.99 31.91 22.00
C PHE A 253 -4.87 32.48 22.88
N ALA A 254 -5.20 32.82 24.11
CA ALA A 254 -4.17 33.26 25.04
C ALA A 254 -3.35 32.03 25.37
N ALA A 255 -4.04 30.93 25.61
CA ALA A 255 -3.33 29.69 25.92
C ALA A 255 -2.31 29.38 24.82
N PHE A 256 -2.77 29.38 23.58
CA PHE A 256 -1.89 29.01 22.50
C PHE A 256 -0.71 29.94 22.38
N ARG A 257 -0.97 31.24 22.31
CA ARG A 257 0.10 32.27 22.24
CA ARG A 257 0.14 32.20 22.20
C ARG A 257 1.12 32.16 23.36
N ALA A 258 0.59 31.82 24.53
CA ALA A 258 1.38 31.64 25.72
C ALA A 258 2.23 30.36 25.70
N TRP A 259 1.86 29.41 24.86
CA TRP A 259 2.58 28.13 24.79
C TRP A 259 3.74 28.33 23.85
N LEU A 260 3.54 29.15 22.82
CA LEU A 260 4.57 29.34 21.85
C LEU A 260 5.79 29.92 22.49
N ARG A 261 6.96 29.29 22.31
CA ARG A 261 8.20 29.94 22.72
C ARG A 261 8.95 30.57 21.59
N CYS A 262 8.71 30.24 20.36
CA CYS A 262 9.67 30.67 19.34
C CYS A 262 9.00 31.24 18.15
N TYR A 263 8.01 30.54 17.61
CA TYR A 263 7.36 30.94 16.36
C TYR A 263 6.82 32.37 16.49
N GLY A 264 7.33 33.27 15.68
CA GLY A 264 6.98 34.70 15.76
C GLY A 264 7.27 35.37 17.08
N MET A 265 8.17 34.87 17.91
CA MET A 265 8.32 35.58 19.18
C MET A 265 9.37 36.71 19.12
N PRO A 266 9.17 37.79 19.91
CA PRO A 266 10.22 38.81 19.94
C PRO A 266 11.55 38.19 20.42
N GLY A 267 12.68 38.69 19.88
CA GLY A 267 14.03 38.18 20.18
C GLY A 267 14.49 36.97 19.37
N MET A 268 13.64 36.50 18.46
CA MET A 268 13.95 35.39 17.57
C MET A 268 14.36 35.88 16.22
N SER A 269 15.11 35.08 15.50
CA SER A 269 15.42 35.37 14.13
C SER A 269 14.43 34.62 13.29
N SER A 270 14.49 34.87 12.01
CA SER A 270 13.59 34.26 11.11
C SER A 270 14.30 34.35 9.80
N LEU A 271 14.09 33.38 8.95
CA LEU A 271 14.64 33.45 7.61
C LEU A 271 13.63 32.80 6.70
N GLN A 272 13.82 32.95 5.41
CA GLN A 272 13.02 32.32 4.39
C GLN A 272 13.70 31.03 4.00
N ASP A 273 13.00 29.91 4.10
CA ASP A 273 13.48 28.71 3.45
C ASP A 273 13.33 28.76 1.93
N ARG A 274 13.74 27.67 1.29
CA ARG A 274 13.77 27.61 -0.11
C ARG A 274 12.40 27.80 -0.73
N HIS A 275 11.32 27.39 -0.06
CA HIS A 275 10.00 27.54 -0.65
CA HIS A 275 10.00 27.55 -0.68
C HIS A 275 9.31 28.81 -0.22
N GLY A 276 10.04 29.74 0.37
CA GLY A 276 9.42 30.97 0.80
C GLY A 276 8.73 30.95 2.15
N ARG A 277 8.73 29.80 2.84
CA ARG A 277 8.15 29.73 4.16
C ARG A 277 9.15 30.21 5.18
N THR A 278 8.66 30.83 6.23
CA THR A 278 9.48 31.45 7.23
C THR A 278 9.78 30.48 8.32
N ILE A 279 11.04 30.41 8.71
CA ILE A 279 11.44 29.54 9.79
C ILE A 279 11.92 30.46 10.84
N TRP A 280 11.25 30.40 11.98
CA TRP A 280 11.65 31.11 13.15
C TRP A 280 12.65 30.28 13.91
N PHE A 281 13.54 30.94 14.65
CA PHE A 281 14.61 30.29 15.43
C PHE A 281 15.42 31.25 16.28
N GLN A 282 16.30 30.70 17.10
CA GLN A 282 17.20 31.47 17.93
C GLN A 282 18.64 31.01 17.71
N GLY A 283 19.52 32.00 17.54
CA GLY A 283 20.96 31.73 17.48
C GLY A 283 21.42 31.36 16.09
N ASP A 284 22.17 30.28 16.05
CA ASP A 284 22.90 29.86 14.86
C ASP A 284 21.85 29.47 13.84
N PRO A 285 21.93 30.02 12.62
CA PRO A 285 21.05 29.59 11.53
C PRO A 285 21.43 28.24 10.93
N GLY A 286 22.69 27.86 11.04
CA GLY A 286 23.13 26.56 10.58
C GLY A 286 23.76 26.64 9.22
N PRO A 287 24.54 25.61 8.85
CA PRO A 287 25.40 25.61 7.67
C PRO A 287 24.68 25.83 6.38
N LEU A 288 23.51 25.26 6.19
CA LEU A 288 22.90 25.37 4.86
C LEU A 288 22.11 26.65 4.62
N ALA A 289 22.20 27.63 5.50
CA ALA A 289 21.37 28.82 5.38
C ALA A 289 21.35 29.40 3.96
N PRO A 290 20.29 30.15 3.65
CA PRO A 290 20.42 30.94 2.43
C PRO A 290 21.32 32.13 2.75
N LYS A 291 22.22 32.47 1.82
CA LYS A 291 23.22 33.53 2.06
C LYS A 291 23.35 34.46 0.85
N PRO B 2 -4.42 -15.93 21.37
CA PRO B 2 -4.04 -14.53 21.09
C PRO B 2 -5.09 -13.42 21.29
N GLU B 3 -4.61 -12.24 21.70
CA GLU B 3 -5.46 -11.09 21.87
C GLU B 3 -4.96 -10.08 20.85
N GLY B 4 -5.47 -8.86 20.96
CA GLY B 4 -5.30 -7.94 19.87
C GLY B 4 -3.86 -7.75 19.53
N PRO B 5 -3.02 -7.62 20.52
CA PRO B 5 -1.59 -7.45 20.21
C PRO B 5 -0.96 -8.62 19.42
N GLU B 6 -1.42 -9.84 19.70
CA GLU B 6 -0.89 -11.04 19.02
C GLU B 6 -1.41 -11.10 17.62
N LEU B 7 -2.66 -10.68 17.43
CA LEU B 7 -3.20 -10.68 16.03
C LEU B 7 -2.45 -9.67 15.25
N HIS B 8 -2.15 -8.54 15.88
CA HIS B 8 -1.47 -7.50 15.16
C HIS B 8 -0.02 -7.92 14.82
N LEU B 9 0.73 -8.42 15.79
CA LEU B 9 2.10 -8.98 15.54
C LEU B 9 2.15 -10.08 14.51
N ALA B 10 1.15 -10.95 14.53
CA ALA B 10 1.06 -12.03 13.56
C ALA B 10 0.91 -11.49 12.14
N SER B 11 0.04 -10.50 11.97
CA SER B 11 -0.10 -9.75 10.66
C SER B 11 1.23 -9.12 10.18
N GLN B 12 2.01 -8.54 11.09
CA GLN B 12 3.32 -7.95 10.71
C GLN B 12 4.21 -9.08 10.20
N PHE B 13 4.32 -10.12 11.02
CA PHE B 13 5.04 -11.34 10.66
C PHE B 13 4.73 -11.80 9.26
N VAL B 14 3.47 -11.99 8.98
CA VAL B 14 3.14 -12.46 7.64
C VAL B 14 3.51 -11.46 6.53
N ASN B 15 3.28 -10.15 6.71
CA ASN B 15 3.69 -9.21 5.67
C ASN B 15 5.21 -9.20 5.52
N GLU B 16 5.96 -9.32 6.62
CA GLU B 16 7.41 -9.31 6.54
C GLU B 16 7.91 -10.56 5.83
N ALA B 17 7.50 -11.71 6.35
CA ALA B 17 8.07 -12.94 5.92
C ALA B 17 7.72 -13.20 4.49
N CYS B 18 6.57 -12.77 4.03
CA CYS B 18 6.11 -13.25 2.74
C CYS B 18 6.35 -12.23 1.69
N ARG B 19 6.98 -11.14 2.08
CA ARG B 19 7.07 -9.97 1.23
C ARG B 19 7.75 -10.36 -0.06
N ALA B 20 8.80 -11.14 0.06
CA ALA B 20 9.63 -11.50 -1.10
C ALA B 20 9.34 -12.90 -1.64
N LEU B 21 8.28 -13.52 -1.14
CA LEU B 21 7.95 -14.90 -1.51
C LEU B 21 6.82 -14.95 -2.51
N VAL B 22 6.78 -16.04 -3.25
CA VAL B 22 5.70 -16.29 -4.19
C VAL B 22 5.20 -17.70 -3.89
N PHE B 23 3.89 -17.81 -3.88
CA PHE B 23 3.26 -19.00 -3.45
C PHE B 23 2.61 -19.55 -4.70
N GLY B 24 2.44 -20.86 -4.73
CA GLY B 24 1.79 -21.46 -5.87
C GLY B 24 1.16 -22.71 -5.41
N GLY B 25 0.18 -23.18 -6.17
CA GLY B 25 -0.43 -24.45 -5.87
C GLY B 25 -1.75 -24.23 -5.18
N CYS B 26 -2.06 -25.17 -4.30
CA CYS B 26 -3.35 -25.23 -3.67
C CYS B 26 -3.13 -24.81 -2.26
N VAL B 27 -4.23 -24.51 -1.62
CA VAL B 27 -4.19 -24.31 -0.22
C VAL B 27 -4.70 -25.52 0.54
N GLU B 28 -3.78 -26.06 1.31
CA GLU B 28 -3.96 -27.29 1.96
C GLU B 28 -4.41 -27.09 3.40
N LYS B 29 -5.58 -27.65 3.70
CA LYS B 29 -6.08 -27.92 5.03
C LYS B 29 -5.60 -29.27 5.63
N SER B 30 -5.49 -29.37 6.94
CA SER B 30 -5.09 -30.54 7.58
C SER B 30 -6.28 -31.43 7.59
N SER B 31 -6.01 -32.69 7.89
CA SER B 31 -6.98 -33.73 7.62
C SER B 31 -7.95 -33.83 8.78
N VAL B 32 -7.77 -33.00 9.81
CA VAL B 32 -8.71 -32.93 10.96
C VAL B 32 -9.41 -31.56 11.18
N SER B 33 -8.98 -30.52 10.46
CA SER B 33 -9.60 -29.23 10.65
C SER B 33 -11.02 -29.25 10.13
N ARG B 34 -11.95 -28.77 10.92
CA ARG B 34 -13.33 -28.60 10.51
C ARG B 34 -13.65 -27.23 9.88
N ASN B 35 -12.67 -26.37 9.69
CA ASN B 35 -12.91 -25.20 8.89
C ASN B 35 -12.98 -25.50 7.40
N PRO B 36 -13.49 -24.56 6.61
CA PRO B 36 -13.69 -24.88 5.20
C PRO B 36 -12.43 -25.08 4.38
N GLU B 37 -12.53 -25.92 3.35
CA GLU B 37 -11.51 -26.00 2.33
C GLU B 37 -11.39 -24.62 1.71
N VAL B 38 -10.17 -24.27 1.36
CA VAL B 38 -9.93 -23.03 0.67
C VAL B 38 -9.82 -23.30 -0.81
N PRO B 39 -10.87 -22.95 -1.55
CA PRO B 39 -10.90 -23.42 -2.93
C PRO B 39 -10.13 -22.49 -3.78
N PHE B 40 -8.82 -22.59 -3.72
CA PHE B 40 -7.99 -21.63 -4.40
C PHE B 40 -6.73 -22.27 -4.93
N GLU B 41 -6.43 -21.92 -6.17
CA GLU B 41 -5.33 -22.52 -6.86
C GLU B 41 -4.78 -21.47 -7.79
N SER B 42 -3.48 -21.25 -7.69
CA SER B 42 -2.80 -20.33 -8.56
C SER B 42 -1.39 -20.81 -8.75
N SER B 43 -0.93 -20.63 -10.00
CA SER B 43 0.44 -20.90 -10.40
C SER B 43 1.43 -20.00 -9.65
N ALA B 44 1.05 -18.72 -9.44
CA ALA B 44 1.83 -17.78 -8.59
C ALA B 44 0.95 -16.74 -7.89
N TYR B 45 1.08 -16.63 -6.57
CA TYR B 45 0.36 -15.64 -5.81
C TYR B 45 1.16 -15.10 -4.63
N ARG B 46 0.81 -13.86 -4.25
CA ARG B 46 1.37 -13.22 -3.08
C ARG B 46 0.35 -13.23 -1.99
N ILE B 47 0.87 -13.21 -0.77
CA ILE B 47 0.05 -13.24 0.39
C ILE B 47 0.37 -12.01 1.23
N SER B 48 -0.66 -11.26 1.59
CA SER B 48 -0.48 -10.24 2.63
C SER B 48 -1.58 -10.28 3.68
N ALA B 49 -1.36 -9.54 4.75
CA ALA B 49 -2.19 -9.61 5.91
C ALA B 49 -2.47 -8.23 6.52
N SER B 50 -3.62 -8.14 7.17
CA SER B 50 -3.85 -7.06 8.10
C SER B 50 -4.64 -7.59 9.26
N ALA B 51 -4.56 -6.96 10.42
CA ALA B 51 -5.37 -7.36 11.53
C ALA B 51 -6.31 -6.26 11.87
N ARG B 52 -7.43 -6.60 12.51
CA ARG B 52 -8.34 -5.68 13.12
C ARG B 52 -8.96 -6.33 14.32
N GLY B 53 -8.62 -5.81 15.49
CA GLY B 53 -9.10 -6.40 16.74
C GLY B 53 -8.58 -7.80 16.82
N LYS B 54 -9.48 -8.73 17.08
CA LYS B 54 -9.12 -10.08 17.30
C LYS B 54 -9.25 -10.88 16.04
N GLU B 55 -9.09 -10.24 14.88
CA GLU B 55 -9.26 -10.92 13.62
C GLU B 55 -8.12 -10.57 12.71
N LEU B 56 -7.83 -11.43 11.76
CA LEU B 56 -6.70 -11.21 10.83
C LEU B 56 -7.13 -11.61 9.49
N ARG B 57 -6.77 -10.80 8.51
CA ARG B 57 -7.22 -11.10 7.18
C ARG B 57 -6.05 -11.30 6.32
N LEU B 58 -6.07 -12.37 5.51
CA LEU B 58 -5.04 -12.66 4.56
C LEU B 58 -5.64 -12.47 3.21
N ILE B 59 -4.88 -11.88 2.33
CA ILE B 59 -5.34 -11.76 0.96
C ILE B 59 -4.36 -12.54 0.15
N LEU B 60 -4.92 -13.36 -0.72
CA LEU B 60 -4.14 -14.16 -1.61
C LEU B 60 -4.36 -13.55 -2.96
N SER B 61 -3.26 -13.09 -3.56
CA SER B 61 -3.30 -12.21 -4.71
C SER B 61 -2.46 -12.82 -5.82
N PRO B 62 -3.12 -13.36 -6.87
CA PRO B 62 -2.35 -13.85 -8.02
C PRO B 62 -1.46 -12.78 -8.65
N LEU B 63 -0.26 -13.17 -9.08
CA LEU B 63 0.51 -12.33 -9.99
C LEU B 63 -0.20 -12.23 -11.34
N PRO B 64 -0.05 -11.07 -12.01
CA PRO B 64 -0.52 -10.91 -13.37
C PRO B 64 -0.17 -12.10 -14.24
N GLY B 65 -1.17 -12.63 -14.94
CA GLY B 65 -0.97 -13.77 -15.85
C GLY B 65 -1.10 -15.15 -15.24
N ALA B 66 -1.14 -15.23 -13.91
CA ALA B 66 -1.24 -16.49 -13.18
C ALA B 66 -2.38 -17.37 -13.65
N GLN B 67 -2.29 -18.64 -13.31
CA GLN B 67 -3.06 -19.66 -14.02
C GLN B 67 -4.06 -20.56 -13.26
N PRO B 68 -5.21 -19.98 -12.94
CA PRO B 68 -6.29 -19.91 -13.87
C PRO B 68 -6.60 -18.44 -13.68
N GLN B 69 -7.42 -17.78 -14.49
CA GLN B 69 -7.67 -16.34 -14.22
C GLN B 69 -8.43 -16.21 -12.90
N GLN B 70 -8.06 -15.19 -12.11
CA GLN B 70 -8.59 -15.07 -10.75
C GLN B 70 -8.42 -13.71 -10.15
N GLU B 71 -9.50 -13.26 -9.54
CA GLU B 71 -9.39 -12.16 -8.60
C GLU B 71 -8.73 -12.78 -7.36
N PRO B 72 -8.22 -11.93 -6.48
CA PRO B 72 -7.66 -12.44 -5.23
C PRO B 72 -8.70 -13.13 -4.36
N LEU B 73 -8.22 -13.74 -3.29
CA LEU B 73 -9.11 -14.31 -2.30
C LEU B 73 -8.66 -13.88 -0.90
N ALA B 74 -9.67 -13.53 -0.11
CA ALA B 74 -9.45 -13.08 1.22
C ALA B 74 -9.97 -14.12 2.14
N LEU B 75 -9.26 -14.33 3.23
CA LEU B 75 -9.73 -15.20 4.29
C LEU B 75 -9.64 -14.40 5.52
N VAL B 76 -10.53 -14.60 6.43
CA VAL B 76 -10.38 -13.99 7.72
C VAL B 76 -10.27 -15.04 8.77
N PHE B 77 -9.38 -14.81 9.72
CA PHE B 77 -9.04 -15.72 10.75
C PHE B 77 -9.37 -15.20 12.10
N ARG B 78 -9.86 -16.07 12.93
CA ARG B 78 -9.93 -15.90 14.39
C ARG B 78 -9.12 -17.00 15.07
N PHE B 79 -8.33 -16.65 16.04
CA PHE B 79 -7.29 -17.53 16.55
C PHE B 79 -7.72 -18.33 17.73
N GLY B 80 -8.88 -18.12 18.29
CA GLY B 80 -9.27 -18.92 19.44
C GLY B 80 -8.26 -18.80 20.52
N MET B 81 -8.20 -19.82 21.34
CA MET B 81 -7.24 -19.94 22.44
C MET B 81 -5.78 -20.16 21.97
N SER B 82 -5.48 -20.54 20.76
CA SER B 82 -4.08 -20.89 20.45
C SER B 82 -3.56 -20.67 19.04
N GLY B 83 -4.29 -20.03 18.17
CA GLY B 83 -3.82 -19.81 16.81
C GLY B 83 -2.55 -18.98 16.68
N SER B 84 -1.92 -18.99 15.52
CA SER B 84 -0.67 -18.37 15.25
C SER B 84 -0.34 -18.66 13.82
N PHE B 85 0.64 -17.95 13.25
CA PHE B 85 1.17 -18.35 11.97
C PHE B 85 2.68 -18.66 12.08
N GLN B 86 3.14 -19.60 11.26
CA GLN B 86 4.58 -19.90 11.18
C GLN B 86 5.00 -20.11 9.75
N LEU B 87 6.21 -19.67 9.43
CA LEU B 87 6.77 -19.87 8.12
C LEU B 87 7.83 -20.93 8.39
N VAL B 88 7.70 -22.08 7.74
CA VAL B 88 8.59 -23.20 8.01
C VAL B 88 8.98 -23.91 6.73
N PRO B 89 10.02 -24.70 6.84
CA PRO B 89 10.34 -25.53 5.64
C PRO B 89 9.29 -26.59 5.43
N ARG B 90 8.96 -26.71 4.15
CA ARG B 90 7.83 -27.46 3.66
C ARG B 90 7.79 -28.83 4.25
N GLU B 91 8.92 -29.55 4.20
CA GLU B 91 8.97 -30.92 4.75
C GLU B 91 9.19 -30.92 6.28
N GLU B 92 8.96 -29.80 6.95
CA GLU B 92 8.96 -29.76 8.42
C GLU B 92 7.76 -28.94 9.01
N LEU B 93 6.57 -29.46 8.82
CA LEU B 93 5.37 -28.88 9.38
C LEU B 93 5.32 -29.12 10.87
N PRO B 94 5.10 -28.08 11.67
CA PRO B 94 4.78 -28.40 13.05
C PRO B 94 3.46 -29.10 13.11
N ARG B 95 3.18 -29.69 14.25
CA ARG B 95 1.90 -30.31 14.38
C ARG B 95 0.88 -29.22 14.66
N HIS B 96 -0.34 -29.57 14.34
CA HIS B 96 -1.41 -28.69 14.36
C HIS B 96 -1.24 -27.57 13.36
N ALA B 97 -0.55 -27.83 12.25
CA ALA B 97 -0.55 -26.91 11.14
C ALA B 97 -1.81 -27.23 10.36
N HIS B 98 -2.89 -26.50 10.63
CA HIS B 98 -4.17 -26.83 10.04
C HIS B 98 -4.46 -26.20 8.72
N LEU B 99 -3.73 -25.13 8.37
CA LEU B 99 -3.81 -24.59 6.99
C LEU B 99 -2.46 -24.19 6.47
N ARG B 100 -2.14 -24.50 5.21
CA ARG B 100 -0.81 -24.23 4.65
C ARG B 100 -0.82 -23.75 3.22
N PHE B 101 0.12 -22.85 3.01
CA PHE B 101 0.32 -22.17 1.78
C PHE B 101 1.80 -22.49 1.43
N TYR B 102 2.01 -22.88 0.17
CA TYR B 102 3.27 -23.40 -0.23
C TYR B 102 3.90 -22.49 -1.23
N THR B 103 5.16 -22.13 -0.97
CA THR B 103 5.95 -21.46 -1.99
C THR B 103 6.01 -22.26 -3.27
N ALA B 104 6.07 -21.50 -4.37
CA ALA B 104 6.23 -22.02 -5.74
C ALA B 104 7.74 -22.22 -6.11
N PRO B 105 8.06 -23.23 -6.96
CA PRO B 105 9.32 -24.02 -7.18
C PRO B 105 10.70 -23.34 -7.39
N PRO B 106 10.73 -22.06 -7.74
CA PRO B 106 11.95 -21.30 -7.44
C PRO B 106 12.46 -21.48 -6.00
N GLY B 107 13.77 -21.32 -5.77
CA GLY B 107 14.34 -21.26 -4.42
C GLY B 107 13.97 -22.39 -3.47
N PRO B 108 14.23 -22.20 -2.14
CA PRO B 108 13.74 -23.16 -1.13
C PRO B 108 12.20 -23.23 -1.00
N ARG B 109 11.75 -24.19 -0.21
CA ARG B 109 10.39 -24.67 -0.26
C ARG B 109 9.81 -24.46 1.10
N LEU B 110 9.00 -23.42 1.19
CA LEU B 110 8.46 -23.00 2.45
C LEU B 110 6.98 -23.26 2.51
N ALA B 111 6.52 -23.59 3.72
CA ALA B 111 5.08 -23.50 4.07
C ALA B 111 4.83 -22.40 5.07
N LEU B 112 3.85 -21.54 4.75
CA LEU B 112 3.27 -20.58 5.74
C LEU B 112 2.11 -21.35 6.26
N CYS B 113 2.08 -21.52 7.58
CA CYS B 113 1.08 -22.29 8.27
C CYS B 113 0.30 -21.54 9.30
N PHE B 114 -0.99 -21.82 9.36
CA PHE B 114 -1.77 -21.42 10.51
C PHE B 114 -1.76 -22.61 11.40
N VAL B 115 -1.22 -22.44 12.58
CA VAL B 115 -1.07 -23.46 13.56
C VAL B 115 -1.93 -23.16 14.70
N ASP B 116 -2.67 -24.15 15.11
CA ASP B 116 -3.67 -23.97 16.13
C ASP B 116 -3.86 -25.23 16.90
N ILE B 117 -3.13 -25.30 17.97
CA ILE B 117 -3.10 -26.47 18.81
C ILE B 117 -4.48 -26.88 19.19
N ARG B 118 -5.27 -26.01 19.80
CA ARG B 118 -6.51 -26.52 20.38
C ARG B 118 -7.72 -26.47 19.45
N ARG B 119 -7.51 -25.92 18.24
CA ARG B 119 -8.48 -25.97 17.18
C ARG B 119 -9.74 -25.14 17.46
N PHE B 120 -9.68 -24.20 18.36
CA PHE B 120 -10.76 -23.31 18.58
C PHE B 120 -10.74 -22.18 17.54
N GLY B 121 -9.70 -22.08 16.72
CA GLY B 121 -9.59 -21.03 15.74
C GLY B 121 -10.54 -21.29 14.64
N ARG B 122 -10.72 -20.33 13.71
CA ARG B 122 -11.63 -20.45 12.55
C ARG B 122 -11.13 -19.58 11.49
N TRP B 123 -11.50 -19.91 10.28
CA TRP B 123 -11.39 -18.97 9.18
C TRP B 123 -12.65 -19.07 8.34
N ASP B 124 -12.89 -18.04 7.53
CA ASP B 124 -14.07 -17.96 6.66
C ASP B 124 -13.62 -17.40 5.36
N LEU B 125 -14.25 -17.92 4.32
CA LEU B 125 -14.04 -17.39 3.01
C LEU B 125 -14.74 -16.04 2.94
N GLY B 126 -14.13 -15.12 2.23
CA GLY B 126 -14.63 -13.74 2.20
C GLY B 126 -13.67 -12.93 3.06
N GLY B 127 -13.45 -11.69 2.70
CA GLY B 127 -12.59 -10.84 3.51
C GLY B 127 -13.38 -9.96 4.44
N LYS B 128 -14.55 -10.39 4.87
CA LYS B 128 -15.30 -9.46 5.69
C LYS B 128 -15.00 -9.63 7.16
N TRP B 129 -14.75 -8.51 7.83
CA TRP B 129 -14.69 -8.52 9.25
C TRP B 129 -16.03 -8.96 9.83
N GLN B 130 -16.00 -9.48 11.02
CA GLN B 130 -17.16 -10.06 11.52
C GLN B 130 -18.25 -9.00 11.85
N PRO B 131 -19.47 -9.24 11.39
CA PRO B 131 -20.56 -8.29 11.64
C PRO B 131 -20.73 -8.03 13.11
N GLY B 132 -20.81 -6.77 13.44
CA GLY B 132 -20.96 -6.46 14.81
C GLY B 132 -19.73 -6.24 15.66
N ARG B 133 -18.52 -6.62 15.18
CA ARG B 133 -17.34 -6.31 15.97
C ARG B 133 -17.07 -4.78 15.88
N GLY B 134 -16.68 -4.22 16.99
CA GLY B 134 -16.39 -2.79 17.06
C GLY B 134 -15.08 -2.49 16.38
N PRO B 135 -14.69 -1.23 16.40
CA PRO B 135 -13.42 -0.88 15.76
C PRO B 135 -12.27 -1.39 16.53
N CYS B 136 -11.16 -1.60 15.86
CA CYS B 136 -9.95 -2.09 16.50
C CYS B 136 -9.43 -1.11 17.52
N VAL B 137 -9.26 -1.55 18.77
CA VAL B 137 -8.71 -0.70 19.79
C VAL B 137 -7.28 -0.33 19.51
N LEU B 138 -6.54 -1.06 18.68
CA LEU B 138 -5.24 -0.59 18.25
C LEU B 138 -5.23 0.35 17.03
N GLN B 139 -5.95 0.00 15.99
CA GLN B 139 -5.78 0.70 14.75
C GLN B 139 -6.83 1.71 14.52
N GLU B 140 -7.91 1.71 15.29
CA GLU B 140 -9.03 2.63 15.03
C GLU B 140 -9.43 3.22 16.38
N TYR B 141 -8.46 3.76 17.09
CA TYR B 141 -8.69 4.25 18.45
C TYR B 141 -9.83 5.24 18.58
N GLN B 142 -9.91 6.22 17.69
CA GLN B 142 -10.91 7.27 17.94
C GLN B 142 -12.27 6.72 17.64
N GLN B 143 -12.41 6.02 16.52
CA GLN B 143 -13.67 5.37 16.18
C GLN B 143 -14.08 4.45 17.30
N PHE B 144 -13.17 3.68 17.78
CA PHE B 144 -13.47 2.82 18.91
C PHE B 144 -13.84 3.69 20.11
N ARG B 145 -13.03 4.69 20.46
CA ARG B 145 -13.43 5.58 21.56
C ARG B 145 -14.87 6.08 21.40
N GLU B 146 -15.16 6.61 20.27
CA GLU B 146 -16.50 7.15 20.08
C GLU B 146 -17.55 6.03 20.04
N ASN B 147 -17.33 4.94 19.35
CA ASN B 147 -18.34 3.92 19.36
C ASN B 147 -18.71 3.46 20.74
N VAL B 148 -17.81 3.47 21.68
CA VAL B 148 -18.20 3.23 23.09
C VAL B 148 -19.04 4.35 23.73
N LEU B 149 -18.50 5.55 23.79
CA LEU B 149 -19.18 6.63 24.51
C LEU B 149 -20.52 7.01 23.93
N ARG B 150 -20.63 6.85 22.63
CA ARG B 150 -21.84 7.18 21.93
C ARG B 150 -22.92 6.15 22.16
N ASN B 151 -22.57 5.00 22.74
CA ASN B 151 -23.54 3.95 23.00
C ASN B 151 -23.41 3.38 24.42
N LEU B 152 -23.45 4.27 25.40
CA LEU B 152 -23.35 3.87 26.79
C LEU B 152 -24.68 3.37 27.34
N ALA B 153 -25.74 3.57 26.56
CA ALA B 153 -27.09 3.15 26.95
C ALA B 153 -27.29 1.66 26.68
N ASP B 154 -26.57 1.13 25.70
CA ASP B 154 -26.67 -0.28 25.34
C ASP B 154 -26.54 -1.17 26.58
N LYS B 155 -27.43 -2.14 26.70
CA LYS B 155 -27.41 -3.06 27.84
C LYS B 155 -26.04 -3.67 28.04
N ALA B 156 -25.20 -3.57 27.01
CA ALA B 156 -23.85 -4.12 27.07
C ALA B 156 -23.06 -3.51 28.23
N PHE B 157 -23.45 -2.30 28.63
CA PHE B 157 -22.79 -1.61 29.73
C PHE B 157 -23.48 -1.75 31.10
N ASP B 158 -24.56 -2.52 31.13
CA ASP B 158 -25.16 -2.99 32.38
C ASP B 158 -24.19 -3.80 33.18
N ARG B 159 -23.28 -4.53 32.51
CA ARG B 159 -22.50 -5.57 33.17
C ARG B 159 -21.22 -5.07 33.80
N PRO B 160 -20.62 -5.89 34.67
CA PRO B 160 -19.39 -5.41 35.27
C PRO B 160 -18.28 -5.05 34.27
N ILE B 161 -17.52 -4.02 34.62
CA ILE B 161 -16.55 -3.49 33.70
C ILE B 161 -15.64 -4.61 33.17
N CYS B 162 -15.23 -5.55 34.01
CA CYS B 162 -14.37 -6.60 33.52
C CYS B 162 -15.05 -7.49 32.48
N GLU B 163 -16.36 -7.69 32.54
CA GLU B 163 -17.05 -8.48 31.52
C GLU B 163 -17.26 -7.67 30.26
N ALA B 164 -17.45 -6.37 30.41
CA ALA B 164 -17.70 -5.45 29.29
C ALA B 164 -16.49 -5.27 28.39
N LEU B 165 -15.32 -5.27 29.00
CA LEU B 165 -14.08 -5.24 28.29
C LEU B 165 -13.83 -6.41 27.37
N LEU B 166 -14.51 -7.55 27.54
CA LEU B 166 -14.36 -8.67 26.60
C LEU B 166 -15.48 -8.67 25.55
N ASP B 167 -16.34 -7.67 25.51
CA ASP B 167 -17.39 -7.67 24.51
C ASP B 167 -16.83 -7.09 23.26
N GLN B 168 -16.71 -7.89 22.20
CA GLN B 168 -16.01 -7.51 20.98
C GLN B 168 -16.83 -6.53 20.11
N ARG B 169 -18.04 -6.22 20.53
CA ARG B 169 -18.77 -5.17 19.82
C ARG B 169 -18.22 -3.80 20.21
N PHE B 170 -17.57 -3.71 21.37
CA PHE B 170 -17.09 -2.47 21.90
C PHE B 170 -15.63 -2.40 22.27
N PHE B 171 -15.02 -3.55 22.56
CA PHE B 171 -13.58 -3.65 22.84
C PHE B 171 -12.88 -4.71 22.00
N ASN B 172 -13.17 -4.66 20.71
CA ASN B 172 -12.61 -5.56 19.72
C ASN B 172 -11.08 -5.57 19.83
N GLY B 173 -10.58 -6.70 20.33
CA GLY B 173 -9.16 -6.86 20.52
C GLY B 173 -8.74 -7.14 21.92
N ILE B 174 -9.64 -6.89 22.85
CA ILE B 174 -9.32 -6.99 24.25
C ILE B 174 -9.63 -8.37 24.77
N GLY B 175 -8.70 -8.97 25.49
CA GLY B 175 -8.91 -10.29 26.02
C GLY B 175 -8.57 -10.40 27.47
N ASN B 176 -8.45 -11.61 27.93
CA ASN B 176 -8.56 -11.80 29.33
C ASN B 176 -7.39 -11.30 30.06
N TYR B 177 -6.20 -11.38 29.46
CA TYR B 177 -5.06 -10.76 30.10
C TYR B 177 -5.08 -9.22 29.99
N LEU B 178 -5.61 -8.67 28.92
CA LEU B 178 -5.59 -7.22 28.74
C LEU B 178 -6.50 -6.62 29.72
N ARG B 179 -7.65 -7.24 29.94
CA ARG B 179 -8.57 -6.67 30.88
C ARG B 179 -7.94 -6.58 32.27
N ALA B 180 -7.20 -7.56 32.71
CA ALA B 180 -6.62 -7.43 34.05
C ALA B 180 -5.60 -6.29 34.11
N GLU B 181 -4.71 -6.24 33.13
CA GLU B 181 -3.67 -5.26 33.13
C GLU B 181 -4.23 -3.86 33.07
N ILE B 182 -5.32 -3.73 32.31
CA ILE B 182 -5.88 -2.43 32.07
C ILE B 182 -6.48 -1.91 33.33
N LEU B 183 -7.21 -2.75 34.05
CA LEU B 183 -7.90 -2.25 35.23
C LEU B 183 -6.91 -1.99 36.34
N TYR B 184 -6.00 -2.94 36.50
CA TYR B 184 -4.99 -2.84 37.54
C TYR B 184 -4.17 -1.54 37.42
N ARG B 185 -4.00 -1.02 36.22
CA ARG B 185 -3.35 0.29 36.08
C ARG B 185 -4.12 1.47 36.60
N LEU B 186 -5.44 1.34 36.65
CA LEU B 186 -6.28 2.37 37.27
C LEU B 186 -6.94 1.83 38.53
N LYS B 187 -6.56 0.63 38.94
CA LYS B 187 -7.00 0.13 40.24
C LYS B 187 -8.50 0.30 40.39
N ILE B 188 -9.19 0.21 39.26
CA ILE B 188 -10.62 0.23 39.27
C ILE B 188 -11.12 -1.16 39.64
N PRO B 189 -12.04 -1.19 40.70
CA PRO B 189 -12.53 -2.53 41.00
C PRO B 189 -13.13 -3.17 39.78
N PRO B 190 -12.74 -4.41 39.51
CA PRO B 190 -13.27 -5.15 38.35
C PRO B 190 -14.64 -5.73 38.62
N PHE B 191 -15.41 -5.09 39.49
CA PHE B 191 -16.75 -5.55 39.83
C PHE B 191 -17.76 -4.42 39.73
N GLU B 192 -17.31 -3.27 39.25
CA GLU B 192 -18.17 -2.10 39.10
C GLU B 192 -18.93 -2.14 37.77
N LYS B 193 -20.12 -1.56 37.76
CA LYS B 193 -20.94 -1.53 36.57
C LYS B 193 -20.14 -0.79 35.53
N ALA B 194 -20.14 -1.28 34.32
CA ALA B 194 -19.28 -0.66 33.33
C ALA B 194 -19.81 0.76 33.00
N ARG B 195 -21.13 0.89 32.85
CA ARG B 195 -21.72 2.23 32.65
C ARG B 195 -21.30 3.28 33.70
N SER B 196 -21.28 2.90 34.96
CA SER B 196 -20.81 3.78 36.01
C SER B 196 -19.34 4.18 35.82
N VAL B 197 -18.49 3.26 35.36
CA VAL B 197 -17.07 3.58 35.24
C VAL B 197 -16.88 4.51 34.05
N LEU B 198 -17.81 4.43 33.10
CA LEU B 198 -17.68 5.13 31.84
C LEU B 198 -18.51 6.37 31.80
N GLU B 199 -19.32 6.58 32.82
CA GLU B 199 -20.18 7.76 32.89
C GLU B 199 -19.44 9.00 32.41
N ALA B 200 -18.35 9.33 33.09
CA ALA B 200 -17.54 10.51 32.74
C ALA B 200 -16.96 10.33 31.35
N LEU B 201 -15.86 11.01 31.05
CA LEU B 201 -15.26 10.82 29.76
C LEU B 201 -16.16 11.37 28.67
N GLN B 202 -17.30 11.92 29.06
CA GLN B 202 -18.26 12.45 28.11
C GLN B 202 -18.98 13.67 28.68
N ASN B 222 -2.61 10.07 34.43
CA ASN B 222 -3.91 10.62 34.04
C ASN B 222 -4.64 9.82 32.91
N PRO B 223 -3.92 8.97 32.12
CA PRO B 223 -4.60 8.21 31.04
C PRO B 223 -5.90 7.58 31.53
N ASP B 224 -7.04 7.90 30.92
CA ASP B 224 -8.29 7.26 31.32
C ASP B 224 -8.45 5.77 30.74
N LEU B 225 -9.64 5.21 30.88
CA LEU B 225 -9.84 3.79 30.79
C LEU B 225 -9.79 3.39 29.32
N LEU B 226 -10.53 4.11 28.51
CA LEU B 226 -10.50 3.96 27.08
C LEU B 226 -9.15 4.28 26.44
N GLU B 227 -8.35 5.18 26.96
CA GLU B 227 -7.04 5.45 26.33
C GLU B 227 -6.20 4.21 26.59
N LEU B 228 -6.41 3.64 27.77
CA LEU B 228 -5.64 2.51 28.18
C LEU B 228 -6.07 1.23 27.41
N CYS B 229 -7.35 1.14 27.03
CA CYS B 229 -7.79 0.12 26.09
C CYS B 229 -7.00 0.16 24.80
N HIS B 230 -6.37 1.28 24.51
CA HIS B 230 -5.56 1.35 23.32
C HIS B 230 -4.09 1.26 23.64
N SER B 231 -3.67 1.85 24.75
CA SER B 231 -2.23 2.13 24.93
C SER B 231 -1.54 0.97 25.63
N VAL B 232 -2.27 0.34 26.54
CA VAL B 232 -1.80 -0.94 27.09
C VAL B 232 -1.50 -2.02 26.01
N PRO B 233 -2.44 -2.32 25.13
CA PRO B 233 -2.13 -3.19 24.02
C PRO B 233 -1.02 -2.70 23.16
N LYS B 234 -0.93 -1.42 22.98
CA LYS B 234 0.16 -0.86 22.19
C LYS B 234 1.51 -1.21 22.88
N GLU B 235 1.51 -1.25 24.21
CA GLU B 235 2.73 -1.58 24.92
C GLU B 235 3.16 -2.98 24.61
N VAL B 236 2.19 -3.88 24.61
CA VAL B 236 2.51 -5.24 24.33
C VAL B 236 3.01 -5.34 22.92
N VAL B 237 2.52 -4.52 22.01
CA VAL B 237 2.97 -4.61 20.61
C VAL B 237 4.43 -4.18 20.43
N GLN B 238 4.85 -3.23 21.24
CA GLN B 238 6.16 -2.61 21.05
C GLN B 238 7.32 -3.53 21.59
N LEU B 239 7.05 -4.39 22.55
CA LEU B 239 7.94 -5.54 22.84
C LEU B 239 8.44 -6.28 21.60
N GLY B 240 7.59 -6.45 20.60
CA GLY B 240 7.99 -7.10 19.35
C GLY B 240 7.92 -8.62 19.42
N GLY B 241 8.14 -9.25 18.27
CA GLY B 241 8.27 -10.70 18.14
C GLY B 241 6.94 -11.45 18.14
N ARG B 242 6.61 -12.00 19.31
CA ARG B 242 5.24 -12.44 19.65
C ARG B 242 5.00 -12.39 21.19
N GLY B 243 3.89 -11.77 21.61
CA GLY B 243 3.63 -11.47 23.02
C GLY B 243 2.63 -12.35 23.74
N TYR B 244 2.57 -13.64 23.39
CA TYR B 244 1.79 -14.65 24.14
C TYR B 244 1.80 -15.95 23.33
N ALA B 254 7.81 -15.44 26.79
CA ALA B 254 9.22 -15.17 26.97
C ALA B 254 9.39 -13.67 26.99
N ALA B 255 9.60 -13.07 28.19
CA ALA B 255 9.77 -11.56 28.37
C ALA B 255 8.52 -10.60 28.15
N PHE B 256 7.39 -11.19 27.74
CA PHE B 256 6.07 -10.64 27.98
C PHE B 256 5.70 -10.82 29.44
N ARG B 257 6.36 -11.75 30.11
CA ARG B 257 6.07 -12.05 31.51
C ARG B 257 6.47 -10.94 32.45
N ALA B 258 7.65 -10.37 32.21
CA ALA B 258 8.11 -9.25 33.05
C ALA B 258 7.26 -8.01 32.80
N TRP B 259 6.64 -7.94 31.63
CA TRP B 259 5.70 -6.86 31.38
C TRP B 259 4.42 -6.99 32.19
N LEU B 260 4.03 -8.20 32.46
CA LEU B 260 2.78 -8.37 33.09
C LEU B 260 2.91 -7.71 34.39
N ARG B 261 1.81 -7.23 34.92
CA ARG B 261 1.84 -6.56 36.18
C ARG B 261 0.81 -7.13 37.11
N CYS B 262 -0.15 -7.88 36.58
CA CYS B 262 -1.25 -8.32 37.40
C CYS B 262 -1.69 -9.74 37.08
N TYR B 263 -1.77 -10.06 35.80
CA TYR B 263 -2.28 -11.32 35.34
C TYR B 263 -1.36 -12.44 35.73
N GLY B 264 -1.81 -13.30 36.62
CA GLY B 264 -1.04 -14.43 37.04
C GLY B 264 0.12 -14.11 37.94
N MET B 265 0.19 -12.89 38.42
CA MET B 265 1.28 -12.49 39.29
C MET B 265 0.98 -12.85 40.71
N PRO B 266 2.11 -13.04 41.52
CA PRO B 266 1.78 -13.54 42.86
C PRO B 266 1.07 -12.53 43.71
N GLY B 267 0.15 -13.01 44.52
CA GLY B 267 -0.50 -12.19 45.49
C GLY B 267 -1.54 -11.30 44.88
N MET B 268 -1.89 -11.59 43.65
CA MET B 268 -2.97 -10.91 43.03
C MET B 268 -4.16 -11.74 43.39
N SER B 269 -5.34 -11.16 43.43
CA SER B 269 -6.56 -11.94 43.65
C SER B 269 -7.15 -12.41 42.32
N SER B 270 -8.21 -13.20 42.38
CA SER B 270 -8.66 -13.96 41.22
C SER B 270 -10.08 -14.42 41.49
N LEU B 271 -11.02 -14.01 40.63
CA LEU B 271 -12.39 -14.50 40.74
C LEU B 271 -12.90 -14.99 39.42
N GLN B 272 -13.90 -15.84 39.49
CA GLN B 272 -14.55 -16.30 38.29
C GLN B 272 -15.59 -15.25 38.01
N ASP B 273 -15.55 -14.67 36.83
CA ASP B 273 -16.57 -13.72 36.40
C ASP B 273 -17.81 -14.52 36.12
N ARG B 274 -18.85 -13.84 35.63
CA ARG B 274 -20.12 -14.47 35.34
C ARG B 274 -20.07 -15.57 34.30
N HIS B 275 -18.93 -15.81 33.65
CA HIS B 275 -18.90 -16.78 32.57
C HIS B 275 -17.75 -17.77 32.64
N GLY B 276 -17.23 -17.98 33.84
CA GLY B 276 -16.17 -18.95 34.06
C GLY B 276 -14.79 -18.42 33.75
N ARG B 277 -14.69 -17.13 33.45
CA ARG B 277 -13.40 -16.58 33.03
C ARG B 277 -12.71 -15.83 34.16
N THR B 278 -11.46 -16.22 34.41
CA THR B 278 -10.69 -15.75 35.53
C THR B 278 -10.22 -14.35 35.35
N ILE B 279 -10.65 -13.46 36.24
CA ILE B 279 -10.19 -12.04 36.28
C ILE B 279 -9.13 -11.79 37.37
N TRP B 280 -7.95 -11.30 36.99
CA TRP B 280 -6.84 -11.02 37.90
C TRP B 280 -6.78 -9.54 38.27
N PHE B 281 -6.43 -9.24 39.53
CA PHE B 281 -6.53 -7.87 40.07
C PHE B 281 -5.89 -7.71 41.50
N GLN B 282 -6.19 -6.59 42.13
CA GLN B 282 -5.77 -6.30 43.52
C GLN B 282 -6.86 -5.43 44.15
N GLY B 283 -7.27 -5.77 45.38
CA GLY B 283 -8.13 -4.87 46.14
C GLY B 283 -9.60 -5.24 46.11
N ASP B 284 -10.47 -4.23 46.11
CA ASP B 284 -11.91 -4.41 46.11
C ASP B 284 -12.17 -5.21 44.88
N PRO B 285 -12.78 -6.39 45.04
CA PRO B 285 -13.35 -7.01 43.85
C PRO B 285 -14.37 -6.07 43.22
N GLY B 286 -15.19 -5.40 44.03
CA GLY B 286 -16.21 -4.49 43.52
C GLY B 286 -17.57 -5.15 43.69
N PRO B 287 -18.66 -4.40 43.47
CA PRO B 287 -20.05 -4.79 43.80
C PRO B 287 -20.61 -6.02 43.13
N LEU B 288 -20.56 -6.08 41.80
CA LEU B 288 -21.39 -7.06 41.09
C LEU B 288 -20.74 -8.46 40.94
N ALA B 289 -19.90 -8.86 41.90
CA ALA B 289 -19.33 -10.21 41.89
C ALA B 289 -20.42 -11.29 42.13
N PRO B 290 -20.12 -12.53 41.76
CA PRO B 290 -20.98 -13.64 42.18
C PRO B 290 -21.07 -13.79 43.71
N PRO C 2 11.17 -3.57 -27.02
CA PRO C 2 10.64 -4.96 -27.05
C PRO C 2 11.65 -6.07 -26.79
N GLU C 3 11.15 -7.18 -26.22
CA GLU C 3 11.87 -8.45 -26.14
C GLU C 3 10.95 -9.52 -26.72
N GLY C 4 11.40 -10.78 -26.73
CA GLY C 4 10.62 -11.91 -27.26
C GLY C 4 9.11 -11.76 -27.07
N PRO C 5 8.70 -11.56 -25.84
CA PRO C 5 7.27 -11.62 -25.65
C PRO C 5 6.58 -10.50 -26.40
N GLU C 6 7.11 -9.28 -26.29
CA GLU C 6 6.49 -8.12 -26.91
C GLU C 6 6.41 -8.31 -28.43
N LEU C 7 7.40 -8.99 -29.01
CA LEU C 7 7.33 -9.26 -30.42
C LEU C 7 6.14 -10.15 -30.74
N HIS C 8 6.07 -11.30 -30.06
CA HIS C 8 4.98 -12.25 -30.25
C HIS C 8 3.63 -11.56 -30.00
N LEU C 9 3.50 -10.87 -28.88
CA LEU C 9 2.26 -10.15 -28.62
C LEU C 9 1.84 -9.26 -29.79
N ALA C 10 2.77 -8.44 -30.29
CA ALA C 10 2.50 -7.61 -31.47
C ALA C 10 2.13 -8.46 -32.68
N SER C 11 2.82 -9.59 -32.86
CA SER C 11 2.42 -10.54 -33.91
C SER C 11 0.95 -10.98 -33.74
N GLN C 12 0.56 -11.27 -32.51
CA GLN C 12 -0.83 -11.62 -32.23
C GLN C 12 -1.75 -10.41 -32.39
N PHE C 13 -1.27 -9.24 -31.99
CA PHE C 13 -2.01 -7.98 -32.14
C PHE C 13 -2.28 -7.68 -33.60
N VAL C 14 -1.35 -8.07 -34.47
CA VAL C 14 -1.53 -7.88 -35.89
C VAL C 14 -2.67 -8.77 -36.36
N ASN C 15 -2.47 -10.08 -36.24
CA ASN C 15 -3.49 -11.04 -36.64
C ASN C 15 -4.82 -10.73 -35.98
N GLU C 16 -4.80 -10.51 -34.67
CA GLU C 16 -6.01 -10.17 -33.93
C GLU C 16 -6.82 -9.04 -34.58
N ALA C 17 -6.23 -7.86 -34.74
CA ALA C 17 -6.97 -6.74 -35.32
C ALA C 17 -7.04 -6.81 -36.85
N CYS C 18 -6.11 -7.53 -37.48
CA CYS C 18 -5.96 -7.48 -38.94
C CYS C 18 -6.01 -8.83 -39.65
N ARG C 19 -6.92 -9.71 -39.23
CA ARG C 19 -7.33 -10.84 -40.07
C ARG C 19 -8.57 -10.45 -40.88
N ALA C 20 -9.47 -9.67 -40.26
CA ALA C 20 -10.75 -9.28 -40.86
C ALA C 20 -10.69 -7.99 -41.70
N LEU C 21 -9.59 -7.25 -41.61
CA LEU C 21 -9.48 -5.97 -42.30
C LEU C 21 -8.94 -6.11 -43.73
N VAL C 22 -9.23 -5.09 -44.54
CA VAL C 22 -8.84 -5.02 -45.96
C VAL C 22 -8.05 -3.73 -46.25
N PHE C 23 -6.81 -3.87 -46.72
CA PHE C 23 -5.93 -2.71 -47.00
C PHE C 23 -5.90 -2.38 -48.48
N GLY C 24 -5.23 -1.27 -48.85
CA GLY C 24 -5.07 -0.92 -50.26
C GLY C 24 -4.05 0.18 -50.46
N GLY C 25 -3.29 0.10 -51.57
CA GLY C 25 -2.35 1.15 -51.97
C GLY C 25 -0.90 0.82 -51.63
N CYS C 26 -0.02 1.81 -51.75
CA CYS C 26 1.42 1.66 -51.42
C CYS C 26 1.63 1.58 -49.89
N VAL C 27 2.87 1.59 -49.43
CA VAL C 27 3.16 1.57 -48.00
C VAL C 27 4.13 2.72 -47.66
N GLU C 28 3.68 3.63 -46.81
CA GLU C 28 4.29 4.95 -46.75
C GLU C 28 5.28 5.15 -45.62
N LYS C 29 6.53 4.77 -45.88
CA LYS C 29 7.65 5.12 -45.00
C LYS C 29 7.58 6.60 -44.71
N SER C 30 7.85 6.99 -43.46
CA SER C 30 7.96 8.39 -43.11
C SER C 30 9.19 8.95 -43.79
N SER C 31 9.23 10.28 -43.96
CA SER C 31 10.34 10.95 -44.66
C SER C 31 11.64 10.78 -43.90
N VAL C 32 11.60 11.10 -42.60
CA VAL C 32 12.78 11.12 -41.75
C VAL C 32 13.46 9.75 -41.53
N SER C 33 12.72 8.67 -41.78
CA SER C 33 13.24 7.31 -41.57
C SER C 33 14.17 6.83 -42.68
N ARG C 34 15.35 6.39 -42.27
CA ARG C 34 16.35 5.89 -43.17
C ARG C 34 16.21 4.39 -43.34
N ASN C 35 15.00 3.86 -43.32
CA ASN C 35 14.84 2.42 -43.49
C ASN C 35 14.37 2.05 -44.90
N PRO C 36 14.97 1.00 -45.49
CA PRO C 36 14.54 0.42 -46.75
C PRO C 36 13.08 0.68 -47.15
N GLU C 37 12.87 0.90 -48.44
CA GLU C 37 11.60 1.38 -48.96
C GLU C 37 10.70 0.22 -49.34
N VAL C 38 9.40 0.50 -49.35
CA VAL C 38 8.37 -0.54 -49.45
C VAL C 38 7.61 -0.54 -50.78
N PRO C 39 8.24 -1.14 -51.83
CA PRO C 39 7.56 -1.24 -53.11
C PRO C 39 6.47 -2.29 -53.04
N PHE C 40 5.24 -1.85 -52.82
CA PHE C 40 4.08 -2.76 -52.75
C PHE C 40 2.82 -2.01 -53.16
N GLU C 41 1.95 -2.67 -53.91
CA GLU C 41 0.62 -2.12 -54.23
C GLU C 41 -0.36 -3.22 -54.69
N SER C 42 -1.61 -3.09 -54.27
CA SER C 42 -2.69 -4.03 -54.63
C SER C 42 -4.03 -3.36 -54.25
N SER C 43 -5.02 -3.41 -55.15
CA SER C 43 -6.30 -2.70 -54.92
C SER C 43 -7.12 -3.23 -53.72
N ALA C 44 -6.77 -4.43 -53.25
CA ALA C 44 -7.28 -4.97 -51.99
C ALA C 44 -6.35 -6.09 -51.47
N TYR C 45 -5.83 -5.95 -50.25
CA TYR C 45 -4.96 -6.98 -49.67
C TYR C 45 -5.22 -7.26 -48.18
N ARG C 46 -4.65 -8.37 -47.68
CA ARG C 46 -4.75 -8.81 -46.28
C ARG C 46 -3.37 -8.77 -45.59
N ILE C 47 -3.38 -8.84 -44.26
CA ILE C 47 -2.15 -8.80 -43.48
C ILE C 47 -2.20 -9.83 -42.34
N SER C 48 -1.17 -10.67 -42.29
CA SER C 48 -0.93 -11.55 -41.13
C SER C 48 0.51 -11.33 -40.65
N ALA C 49 0.87 -11.93 -39.50
CA ALA C 49 2.21 -11.75 -38.92
C ALA C 49 2.67 -13.00 -38.17
N SER C 50 3.94 -13.00 -37.81
CA SER C 50 4.54 -14.08 -37.02
C SER C 50 5.78 -13.51 -36.34
N ALA C 51 6.13 -14.01 -35.16
CA ALA C 51 7.35 -13.60 -34.45
C ALA C 51 8.34 -14.76 -34.27
N ARG C 52 9.63 -14.45 -34.22
CA ARG C 52 10.66 -15.41 -33.84
C ARG C 52 11.75 -14.70 -33.05
N GLY C 53 11.70 -14.86 -31.72
CA GLY C 53 12.61 -14.20 -30.82
C GLY C 53 12.42 -12.70 -30.86
N LYS C 54 13.50 -11.97 -31.10
CA LYS C 54 13.43 -10.50 -31.20
C LYS C 54 13.22 -10.03 -32.64
N GLU C 55 12.36 -10.73 -33.38
CA GLU C 55 12.02 -10.36 -34.76
C GLU C 55 10.56 -10.68 -35.02
N LEU C 56 9.96 -9.92 -35.93
CA LEU C 56 8.60 -10.13 -36.36
C LEU C 56 8.66 -10.20 -37.89
N ARG C 57 7.59 -10.66 -38.51
CA ARG C 57 7.56 -10.87 -39.94
C ARG C 57 6.15 -10.63 -40.43
N LEU C 58 5.95 -9.49 -41.09
CA LEU C 58 4.63 -9.16 -41.63
C LEU C 58 4.45 -9.89 -42.95
N ILE C 59 3.21 -10.30 -43.20
CA ILE C 59 2.85 -11.05 -44.39
C ILE C 59 1.75 -10.28 -45.11
N LEU C 60 2.16 -9.43 -46.04
CA LEU C 60 1.22 -8.77 -46.95
C LEU C 60 0.91 -9.78 -48.03
N SER C 61 -0.30 -9.71 -48.57
CA SER C 61 -0.77 -10.73 -49.50
C SER C 61 -2.05 -10.24 -50.15
N PRO C 62 -2.09 -10.14 -51.50
CA PRO C 62 -3.36 -9.77 -52.15
C PRO C 62 -4.44 -10.90 -52.13
N LEU C 63 -5.66 -10.57 -51.68
CA LEU C 63 -6.81 -11.51 -51.68
C LEU C 63 -7.33 -11.64 -53.11
N PRO C 64 -8.23 -12.62 -53.37
CA PRO C 64 -8.71 -12.82 -54.73
C PRO C 64 -9.09 -11.51 -55.46
N GLY C 65 -8.79 -11.44 -56.75
CA GLY C 65 -9.00 -10.21 -57.53
C GLY C 65 -7.75 -9.34 -57.48
N GLN C 69 -0.92 -7.88 -60.31
CA GLN C 69 -0.67 -9.23 -59.83
C GLN C 69 0.72 -9.25 -59.19
N GLN C 70 0.79 -9.71 -57.94
CA GLN C 70 1.95 -9.49 -57.12
C GLN C 70 2.13 -10.60 -56.09
N GLU C 71 3.38 -11.03 -55.92
CA GLU C 71 3.69 -12.11 -54.98
C GLU C 71 3.42 -11.61 -53.54
N PRO C 72 2.95 -12.51 -52.65
CA PRO C 72 2.94 -12.18 -51.22
C PRO C 72 4.31 -11.74 -50.71
N LEU C 73 4.41 -10.48 -50.27
CA LEU C 73 5.68 -9.90 -49.82
C LEU C 73 5.84 -10.04 -48.32
N ALA C 74 7.09 -10.21 -47.90
CA ALA C 74 7.44 -10.45 -46.52
C ALA C 74 8.40 -9.38 -46.00
N LEU C 75 7.89 -8.54 -45.12
CA LEU C 75 8.75 -7.63 -44.36
C LEU C 75 9.13 -8.28 -43.03
N VAL C 76 10.39 -8.11 -42.66
CA VAL C 76 10.89 -8.45 -41.34
C VAL C 76 10.81 -7.14 -40.53
N PHE C 77 10.98 -7.21 -39.23
CA PHE C 77 11.19 -6.03 -38.40
C PHE C 77 12.11 -6.37 -37.24
N ARG C 78 12.80 -5.36 -36.72
CA ARG C 78 13.35 -5.41 -35.36
C ARG C 78 12.91 -4.14 -34.68
N PHE C 79 12.74 -4.21 -33.37
CA PHE C 79 12.03 -3.17 -32.66
C PHE C 79 12.95 -2.18 -32.01
N GLY C 80 14.19 -2.59 -31.76
CA GLY C 80 15.14 -1.73 -31.11
C GLY C 80 14.66 -1.50 -29.71
N MET C 81 14.13 -0.31 -29.45
CA MET C 81 13.68 0.05 -28.10
C MET C 81 12.24 0.49 -28.03
N SER C 82 11.72 1.01 -29.12
CA SER C 82 10.42 1.64 -29.10
C SER C 82 9.55 1.07 -30.18
N GLY C 83 10.05 0.09 -30.92
CA GLY C 83 9.21 -0.57 -31.87
C GLY C 83 7.85 -0.87 -31.25
N SER C 84 6.80 -0.75 -32.06
CA SER C 84 5.47 -1.13 -31.65
C SER C 84 4.64 -1.26 -32.91
N PHE C 85 3.35 -1.43 -32.76
CA PHE C 85 2.41 -1.33 -33.87
C PHE C 85 1.09 -0.76 -33.39
N GLN C 86 0.36 -0.10 -34.29
CA GLN C 86 -0.95 0.46 -33.93
C GLN C 86 -1.94 0.41 -35.06
N LEU C 87 -3.21 0.41 -34.69
CA LEU C 87 -4.31 0.44 -35.62
C LEU C 87 -5.13 1.67 -35.25
N VAL C 88 -5.02 2.73 -36.05
CA VAL C 88 -5.65 4.02 -35.74
C VAL C 88 -6.51 4.51 -36.91
N PRO C 89 -7.28 5.61 -36.70
CA PRO C 89 -7.93 6.28 -37.83
C PRO C 89 -6.92 7.06 -38.70
N ARG C 90 -6.97 6.83 -40.03
CA ARG C 90 -6.09 7.49 -41.03
C ARG C 90 -5.65 8.88 -40.65
N GLU C 91 -6.61 9.68 -40.20
CA GLU C 91 -6.41 11.07 -39.84
C GLU C 91 -5.56 11.29 -38.58
N GLU C 92 -5.57 10.34 -37.64
CA GLU C 92 -4.67 10.38 -36.47
C GLU C 92 -3.64 9.24 -36.49
N LEU C 93 -2.50 9.52 -37.09
CA LEU C 93 -1.40 8.61 -37.05
C LEU C 93 -0.58 9.10 -35.90
N PRO C 94 -0.22 8.11 -34.98
CA PRO C 94 0.50 8.64 -33.81
C PRO C 94 1.76 9.26 -34.28
N ARG C 95 2.32 10.16 -33.50
CA ARG C 95 3.46 10.94 -33.92
C ARG C 95 4.50 10.18 -34.72
N HIS C 96 5.00 9.10 -34.17
CA HIS C 96 6.15 8.48 -34.75
C HIS C 96 5.80 7.33 -35.63
N ALA C 97 4.60 7.37 -36.19
CA ALA C 97 4.19 6.42 -37.21
C ALA C 97 5.19 6.49 -38.35
N HIS C 98 6.22 5.64 -38.25
CA HIS C 98 7.38 5.68 -39.14
C HIS C 98 7.21 4.77 -40.34
N LEU C 99 6.08 4.06 -40.42
CA LEU C 99 5.71 3.25 -41.61
C LEU C 99 4.21 2.97 -41.59
N ARG C 100 3.53 3.18 -42.70
CA ARG C 100 2.07 3.24 -42.68
C ARG C 100 1.42 2.28 -43.67
N PHE C 101 0.30 1.67 -43.24
CA PHE C 101 -0.52 0.78 -44.06
C PHE C 101 -1.98 1.25 -43.97
N TYR C 102 -2.55 1.76 -45.07
CA TYR C 102 -3.94 2.25 -45.05
C TYR C 102 -4.94 1.16 -45.46
N THR C 103 -6.17 1.27 -44.97
CA THR C 103 -7.21 0.31 -45.33
C THR C 103 -7.77 0.59 -46.74
N ALA C 104 -8.68 -0.27 -47.19
CA ALA C 104 -9.17 -0.22 -48.57
C ALA C 104 -10.04 1.02 -48.83
N PRO C 105 -10.17 1.43 -50.12
CA PRO C 105 -11.03 2.57 -50.47
C PRO C 105 -12.46 2.47 -49.91
N PRO C 106 -13.21 1.40 -50.24
CA PRO C 106 -14.42 1.20 -49.46
C PRO C 106 -14.06 0.55 -48.12
N GLY C 107 -14.91 0.73 -47.11
CA GLY C 107 -14.60 0.26 -45.77
C GLY C 107 -14.18 1.44 -44.91
N PRO C 108 -13.79 1.16 -43.65
CA PRO C 108 -13.52 2.24 -42.70
C PRO C 108 -12.19 2.95 -42.98
N ARG C 109 -12.11 4.20 -42.57
CA ARG C 109 -10.87 4.96 -42.69
C ARG C 109 -9.96 4.61 -41.50
N LEU C 110 -9.11 3.59 -41.68
CA LEU C 110 -8.17 3.12 -40.63
C LEU C 110 -6.74 2.93 -41.16
N ALA C 111 -5.79 2.78 -40.25
CA ALA C 111 -4.39 2.63 -40.62
C ALA C 111 -3.61 1.77 -39.62
N LEU C 112 -2.94 0.73 -40.12
CA LEU C 112 -1.89 0.05 -39.37
C LEU C 112 -0.60 0.81 -39.59
N CYS C 113 0.09 1.13 -38.50
CA CYS C 113 1.33 1.86 -38.56
C CYS C 113 2.36 1.23 -37.64
N PHE C 114 3.58 1.04 -38.14
CA PHE C 114 4.69 0.73 -37.27
C PHE C 114 5.11 2.02 -36.58
N VAL C 115 5.30 1.99 -35.24
CA VAL C 115 5.62 3.19 -34.45
C VAL C 115 6.90 3.08 -33.60
N ASP C 116 8.05 3.43 -34.20
CA ASP C 116 9.32 3.43 -33.46
C ASP C 116 9.73 4.85 -33.02
N ILE C 117 9.21 5.30 -31.89
CA ILE C 117 9.62 6.57 -31.30
C ILE C 117 11.14 6.89 -31.45
N ARG C 118 11.99 6.02 -30.91
CA ARG C 118 13.43 6.32 -30.85
C ARG C 118 14.16 5.92 -32.13
N ARG C 119 13.48 5.22 -33.02
CA ARG C 119 14.02 4.92 -34.36
C ARG C 119 15.28 4.02 -34.35
N PHE C 120 15.34 3.10 -33.40
CA PHE C 120 16.44 2.14 -33.30
C PHE C 120 16.07 0.86 -34.04
N GLY C 121 14.79 0.72 -34.35
CA GLY C 121 14.29 -0.39 -35.11
C GLY C 121 14.70 -0.31 -36.56
N ARG C 122 15.08 -1.48 -37.09
CA ARG C 122 15.40 -1.66 -38.50
C ARG C 122 14.22 -2.44 -39.14
N TRP C 123 13.90 -2.17 -40.40
CA TRP C 123 13.03 -3.10 -41.15
C TRP C 123 13.54 -3.33 -42.57
N ASP C 124 13.50 -4.61 -42.93
CA ASP C 124 14.31 -5.15 -44.02
C ASP C 124 13.51 -5.81 -45.12
N LEU C 125 14.15 -5.84 -46.29
CA LEU C 125 13.60 -6.39 -47.50
C LEU C 125 13.95 -7.88 -47.60
N GLY C 126 12.94 -8.70 -47.91
CA GLY C 126 13.08 -10.14 -47.87
C GLY C 126 12.52 -10.64 -46.56
N GLY C 127 11.82 -11.77 -46.61
CA GLY C 127 11.26 -12.37 -45.40
C GLY C 127 12.23 -13.31 -44.71
N LYS C 128 13.50 -12.92 -44.60
CA LYS C 128 14.52 -13.74 -43.95
C LYS C 128 14.64 -13.40 -42.45
N TRP C 129 14.84 -14.42 -41.61
CA TRP C 129 15.28 -14.18 -40.22
C TRP C 129 16.81 -14.04 -40.23
N GLN C 130 17.34 -13.23 -39.31
CA GLN C 130 18.76 -12.90 -39.29
C GLN C 130 19.62 -14.15 -39.12
N PRO C 131 20.65 -14.32 -39.98
CA PRO C 131 21.51 -15.50 -39.79
C PRO C 131 22.33 -15.35 -38.51
N GLY C 132 22.75 -16.47 -37.94
CA GLY C 132 23.60 -16.46 -36.76
C GLY C 132 22.87 -16.37 -35.41
N ARG C 133 21.57 -16.09 -35.44
CA ARG C 133 20.78 -16.07 -34.20
C ARG C 133 20.41 -17.49 -33.83
N GLY C 134 20.30 -17.75 -32.53
CA GLY C 134 19.74 -18.99 -32.04
C GLY C 134 18.23 -19.01 -32.23
N PRO C 135 17.57 -20.11 -31.83
CA PRO C 135 16.12 -20.27 -32.04
C PRO C 135 15.21 -19.64 -30.96
N CYS C 136 13.95 -19.37 -31.34
CA CYS C 136 13.00 -18.62 -30.48
C CYS C 136 12.65 -19.36 -29.22
N VAL C 137 13.19 -18.89 -28.10
CA VAL C 137 12.97 -19.52 -26.82
C VAL C 137 11.50 -19.80 -26.53
N LEU C 138 10.61 -18.95 -27.01
CA LEU C 138 9.20 -19.24 -26.86
C LEU C 138 8.80 -20.35 -27.80
N GLN C 139 8.91 -20.08 -29.09
CA GLN C 139 8.28 -20.90 -30.09
C GLN C 139 9.09 -22.15 -30.38
N GLU C 140 10.36 -22.21 -29.97
CA GLU C 140 11.26 -23.26 -30.47
C GLU C 140 12.17 -23.85 -29.40
N TYR C 141 11.63 -24.08 -28.22
CA TYR C 141 12.42 -24.47 -27.06
C TYR C 141 13.37 -25.64 -27.25
N GLN C 142 12.88 -26.76 -27.77
CA GLN C 142 13.72 -27.95 -27.84
C GLN C 142 14.98 -27.60 -28.61
N GLN C 143 14.78 -27.07 -29.82
CA GLN C 143 15.88 -26.73 -30.72
C GLN C 143 16.84 -25.78 -30.00
N PHE C 144 16.25 -24.70 -29.47
CA PHE C 144 16.98 -23.73 -28.64
C PHE C 144 17.77 -24.37 -27.50
N ARG C 145 17.11 -25.25 -26.74
CA ARG C 145 17.75 -25.91 -25.61
C ARG C 145 18.99 -26.64 -26.13
N GLU C 146 18.77 -27.52 -27.11
CA GLU C 146 19.81 -28.39 -27.67
C GLU C 146 21.02 -27.60 -28.16
N ASN C 147 20.72 -26.53 -28.89
CA ASN C 147 21.72 -25.67 -29.51
C ASN C 147 22.52 -24.79 -28.58
N VAL C 148 22.12 -24.70 -27.32
CA VAL C 148 22.93 -24.13 -26.27
C VAL C 148 23.80 -25.21 -25.69
N LEU C 149 23.16 -26.30 -25.26
CA LEU C 149 23.84 -27.36 -24.50
C LEU C 149 24.92 -28.09 -25.29
N ARG C 150 24.71 -28.30 -26.57
CA ARG C 150 25.74 -28.95 -27.39
C ARG C 150 26.89 -27.99 -27.75
N ASN C 151 26.76 -26.71 -27.48
CA ASN C 151 27.83 -25.76 -27.80
C ASN C 151 28.42 -25.07 -26.58
N LEU C 152 28.51 -25.80 -25.47
CA LEU C 152 29.07 -25.23 -24.24
C LEU C 152 30.56 -24.97 -24.41
N ALA C 153 31.19 -25.83 -25.20
CA ALA C 153 32.60 -25.66 -25.60
C ALA C 153 32.90 -24.27 -26.14
N ASP C 154 32.06 -23.78 -27.06
CA ASP C 154 32.28 -22.47 -27.68
C ASP C 154 32.62 -21.38 -26.65
N LYS C 155 33.47 -20.46 -27.07
CA LYS C 155 34.05 -19.44 -26.18
C LYS C 155 33.11 -18.31 -25.76
N ALA C 156 31.84 -18.34 -26.19
CA ALA C 156 30.85 -17.37 -25.72
C ALA C 156 30.49 -17.56 -24.25
N PHE C 157 30.60 -18.79 -23.76
CA PHE C 157 30.25 -19.08 -22.38
C PHE C 157 31.40 -18.76 -21.43
N ASP C 158 32.43 -18.10 -21.97
CA ASP C 158 33.45 -17.50 -21.14
C ASP C 158 32.91 -16.23 -20.51
N ARG C 159 31.91 -15.61 -21.14
CA ARG C 159 31.27 -14.40 -20.57
C ARG C 159 30.52 -14.73 -19.27
N PRO C 160 30.19 -13.72 -18.45
CA PRO C 160 29.35 -14.00 -17.30
C PRO C 160 27.90 -14.24 -17.72
N ILE C 161 27.21 -15.11 -16.99
CA ILE C 161 25.90 -15.55 -17.45
C ILE C 161 24.94 -14.40 -17.80
N CYS C 162 24.95 -13.33 -16.98
CA CYS C 162 24.04 -12.23 -17.22
C CYS C 162 24.33 -11.50 -18.52
N GLU C 163 25.56 -11.63 -19.04
CA GLU C 163 25.91 -11.14 -20.38
C GLU C 163 25.68 -12.24 -21.43
N ALA C 164 26.11 -13.46 -21.12
CA ALA C 164 25.79 -14.59 -21.97
C ALA C 164 24.32 -14.55 -22.35
N LEU C 165 23.46 -14.44 -21.34
CA LEU C 165 22.01 -14.50 -21.55
C LEU C 165 21.45 -13.52 -22.60
N LEU C 166 22.08 -12.36 -22.74
CA LEU C 166 21.72 -11.45 -23.83
C LEU C 166 22.22 -11.91 -25.21
N ASP C 167 23.35 -12.63 -25.28
CA ASP C 167 23.88 -13.09 -26.59
C ASP C 167 22.84 -13.84 -27.41
N GLN C 168 22.25 -13.09 -28.33
CA GLN C 168 21.16 -13.55 -29.17
C GLN C 168 21.56 -14.73 -30.03
N ARG C 169 22.85 -15.05 -30.10
CA ARG C 169 23.28 -16.19 -30.87
C ARG C 169 22.79 -17.48 -30.21
N PHE C 170 22.55 -17.43 -28.89
CA PHE C 170 22.02 -18.58 -28.19
C PHE C 170 20.64 -18.36 -27.60
N PHE C 171 20.40 -17.16 -27.10
CA PHE C 171 19.17 -16.87 -26.42
C PHE C 171 18.29 -15.86 -27.17
N ASN C 172 18.01 -16.14 -28.44
CA ASN C 172 17.11 -15.25 -29.22
C ASN C 172 15.79 -15.07 -28.48
N GLY C 173 15.48 -13.82 -28.12
CA GLY C 173 14.25 -13.47 -27.42
C GLY C 173 14.53 -12.85 -26.07
N ILE C 174 15.68 -13.19 -25.49
CA ILE C 174 16.03 -12.77 -24.14
C ILE C 174 16.60 -11.37 -24.14
N GLY C 175 15.99 -10.48 -23.36
CA GLY C 175 16.55 -9.15 -23.15
C GLY C 175 16.77 -8.84 -21.69
N ASN C 176 16.87 -7.55 -21.40
CA ASN C 176 17.43 -7.09 -20.13
C ASN C 176 16.57 -7.48 -18.92
N TYR C 177 15.29 -7.11 -18.99
CA TYR C 177 14.40 -7.41 -17.90
C TYR C 177 14.31 -8.93 -17.77
N LEU C 178 14.28 -9.66 -18.88
CA LEU C 178 14.11 -11.11 -18.77
C LEU C 178 15.30 -11.81 -18.11
N ARG C 179 16.51 -11.33 -18.40
CA ARG C 179 17.68 -11.95 -17.83
C ARG C 179 17.57 -11.81 -16.34
N ALA C 180 17.21 -10.60 -15.90
CA ALA C 180 17.09 -10.32 -14.49
C ALA C 180 16.09 -11.29 -13.90
N GLU C 181 14.89 -11.26 -14.45
CA GLU C 181 13.82 -12.09 -13.92
C GLU C 181 14.18 -13.54 -13.92
N ILE C 182 14.90 -14.01 -14.94
CA ILE C 182 15.22 -15.44 -15.02
C ILE C 182 16.28 -15.81 -14.01
N LEU C 183 17.33 -15.00 -13.97
CA LEU C 183 18.40 -15.20 -13.00
C LEU C 183 17.86 -15.20 -11.60
N TYR C 184 17.09 -14.16 -11.31
CA TYR C 184 16.48 -13.97 -10.01
C TYR C 184 15.67 -15.17 -9.50
N ARG C 185 15.17 -16.03 -10.40
CA ARG C 185 14.46 -17.26 -10.00
C ARG C 185 15.33 -18.35 -9.42
N LEU C 186 16.59 -18.43 -9.80
CA LEU C 186 17.41 -19.54 -9.33
C LEU C 186 18.51 -19.04 -8.44
N LYS C 187 18.41 -17.76 -8.08
CA LYS C 187 19.45 -17.11 -7.29
C LYS C 187 20.80 -17.65 -7.74
N ILE C 188 21.05 -17.48 -9.04
CA ILE C 188 22.35 -17.73 -9.61
C ILE C 188 23.02 -16.38 -9.70
N PRO C 189 24.16 -16.22 -9.03
CA PRO C 189 24.92 -14.98 -9.12
C PRO C 189 25.21 -14.58 -10.59
N PRO C 190 24.71 -13.40 -11.01
CA PRO C 190 24.78 -13.00 -12.42
C PRO C 190 26.17 -12.88 -13.03
N PHE C 191 27.21 -12.77 -12.21
CA PHE C 191 28.59 -12.75 -12.71
C PHE C 191 29.37 -14.03 -12.42
N GLU C 192 28.64 -15.09 -12.08
CA GLU C 192 29.13 -16.43 -12.31
C GLU C 192 29.38 -16.54 -13.81
N LYS C 193 30.31 -17.42 -14.18
CA LYS C 193 30.65 -17.62 -15.59
C LYS C 193 29.59 -18.47 -16.30
N ALA C 194 29.37 -18.18 -17.57
CA ALA C 194 28.38 -18.91 -18.37
C ALA C 194 28.64 -20.41 -18.30
N ARG C 195 29.82 -20.80 -17.83
CA ARG C 195 30.18 -22.20 -17.72
C ARG C 195 29.76 -22.78 -16.36
N SER C 196 28.45 -22.77 -16.11
CA SER C 196 27.92 -23.29 -14.86
C SER C 196 26.61 -24.04 -15.08
N VAL C 197 26.25 -24.22 -16.35
CA VAL C 197 25.02 -24.91 -16.70
C VAL C 197 25.31 -26.20 -17.48
N LEU C 198 25.38 -27.32 -16.75
CA LEU C 198 25.65 -28.60 -17.36
C LEU C 198 24.55 -29.59 -17.02
N GLU C 199 24.17 -30.36 -18.01
CA GLU C 199 23.04 -31.27 -17.88
C GLU C 199 21.72 -30.57 -18.17
N LYS C 219 11.87 -35.44 -8.19
CA LYS C 219 13.30 -35.69 -8.07
C LYS C 219 14.04 -34.35 -7.87
N LEU C 220 14.50 -33.74 -8.97
CA LEU C 220 15.07 -32.39 -8.97
C LEU C 220 14.11 -31.49 -9.77
N GLN C 221 12.81 -31.64 -9.55
CA GLN C 221 11.78 -31.06 -10.44
C GLN C 221 11.84 -29.54 -10.64
N ASN C 222 12.61 -28.84 -9.80
CA ASN C 222 12.85 -27.40 -9.94
C ASN C 222 13.33 -27.03 -11.35
N PRO C 223 12.59 -26.13 -12.04
CA PRO C 223 12.96 -25.85 -13.42
C PRO C 223 14.39 -25.31 -13.47
N ASP C 224 15.16 -25.75 -14.46
CA ASP C 224 16.54 -25.30 -14.61
C ASP C 224 16.61 -24.03 -15.44
N LEU C 225 17.81 -23.46 -15.50
CA LEU C 225 18.03 -22.22 -16.19
C LEU C 225 17.44 -22.16 -17.60
N LEU C 226 17.54 -23.24 -18.32
CA LEU C 226 17.07 -23.20 -19.69
C LEU C 226 15.57 -23.30 -19.78
N GLU C 227 14.95 -23.96 -18.81
CA GLU C 227 13.50 -24.05 -18.76
C GLU C 227 12.90 -22.67 -18.45
N LEU C 228 13.60 -21.95 -17.60
CA LEU C 228 13.20 -20.59 -17.28
C LEU C 228 13.23 -19.74 -18.53
N CYS C 229 14.27 -19.95 -19.33
CA CYS C 229 14.42 -19.21 -20.58
C CYS C 229 13.20 -19.32 -21.48
N HIS C 230 12.46 -20.42 -21.38
CA HIS C 230 11.25 -20.58 -22.16
C HIS C 230 10.05 -20.11 -21.41
N SER C 231 9.87 -20.67 -20.21
CA SER C 231 8.60 -20.53 -19.51
C SER C 231 8.39 -19.09 -19.03
N VAL C 232 9.47 -18.43 -18.61
CA VAL C 232 9.35 -17.13 -18.01
C VAL C 232 8.80 -16.11 -19.02
N PRO C 233 9.38 -16.06 -20.23
CA PRO C 233 8.74 -15.20 -21.21
C PRO C 233 7.26 -15.52 -21.49
N LYS C 234 6.90 -16.80 -21.43
CA LYS C 234 5.52 -17.24 -21.66
C LYS C 234 4.56 -16.60 -20.66
N GLU C 235 5.01 -16.40 -19.43
CA GLU C 235 4.21 -15.76 -18.41
C GLU C 235 3.85 -14.37 -18.91
N VAL C 236 4.81 -13.75 -19.61
CA VAL C 236 4.64 -12.38 -20.06
C VAL C 236 3.61 -12.27 -21.20
N VAL C 237 3.58 -13.27 -22.07
CA VAL C 237 2.50 -13.37 -23.04
C VAL C 237 1.13 -13.38 -22.38
N GLN C 238 1.03 -14.14 -21.29
CA GLN C 238 -0.22 -14.38 -20.58
C GLN C 238 -0.86 -13.11 -20.00
N LEU C 239 -0.10 -12.04 -19.85
CA LEU C 239 -0.66 -10.70 -19.65
C LEU C 239 -0.57 -9.85 -20.93
N ASP C 252 -1.27 -4.13 -19.57
CA ASP C 252 -1.16 -2.69 -19.34
C ASP C 252 0.17 -2.37 -18.66
N PHE C 253 0.54 -1.09 -18.66
CA PHE C 253 1.82 -0.65 -18.10
C PHE C 253 2.01 -1.00 -16.60
N ALA C 254 0.95 -0.93 -15.80
CA ALA C 254 1.04 -1.15 -14.34
C ALA C 254 1.10 -2.64 -13.93
N ALA C 255 0.42 -3.48 -14.70
CA ALA C 255 0.37 -4.91 -14.45
C ALA C 255 1.76 -5.52 -14.60
N PHE C 256 2.31 -5.48 -15.81
CA PHE C 256 3.69 -5.83 -16.02
C PHE C 256 4.55 -5.33 -14.87
N ARG C 257 4.48 -4.04 -14.60
CA ARG C 257 5.29 -3.42 -13.53
C ARG C 257 5.16 -4.25 -12.25
N ALA C 258 3.94 -4.65 -11.93
CA ALA C 258 3.65 -5.50 -10.77
C ALA C 258 4.26 -6.91 -10.90
N TRP C 259 3.91 -7.62 -11.98
CA TRP C 259 4.43 -8.97 -12.31
C TRP C 259 5.91 -9.18 -11.95
N LEU C 260 6.74 -8.20 -12.29
CA LEU C 260 8.17 -8.30 -12.09
C LEU C 260 8.52 -8.59 -10.65
N ARG C 261 9.54 -9.42 -10.45
CA ARG C 261 9.98 -9.79 -9.12
C ARG C 261 11.47 -9.53 -8.92
N CYS C 262 11.96 -8.46 -9.54
CA CYS C 262 13.37 -8.09 -9.45
C CYS C 262 13.65 -6.79 -10.18
N TYR C 263 13.57 -6.82 -11.51
CA TYR C 263 13.82 -5.64 -12.33
C TYR C 263 13.13 -4.42 -11.75
N GLY C 264 13.83 -3.29 -11.75
CA GLY C 264 13.28 -2.04 -11.23
C GLY C 264 12.70 -2.05 -9.82
N MET C 265 13.08 -3.03 -9.00
CA MET C 265 12.34 -3.27 -7.77
C MET C 265 13.02 -2.75 -6.50
N PRO C 266 12.24 -2.13 -5.58
CA PRO C 266 12.77 -1.52 -4.35
C PRO C 266 13.74 -2.40 -3.55
N GLY C 267 14.78 -1.79 -2.98
CA GLY C 267 15.81 -2.53 -2.26
C GLY C 267 16.39 -3.67 -3.08
N MET C 268 17.09 -3.32 -4.16
CA MET C 268 17.75 -4.29 -5.06
C MET C 268 19.13 -3.80 -5.48
N SER C 269 19.94 -4.69 -6.06
CA SER C 269 21.25 -4.31 -6.59
C SER C 269 21.10 -3.74 -7.99
N SER C 270 22.11 -3.00 -8.43
CA SER C 270 22.20 -2.56 -9.83
C SER C 270 23.67 -2.34 -10.19
N LEU C 271 24.07 -2.89 -11.34
CA LEU C 271 25.42 -2.78 -11.86
C LEU C 271 25.35 -2.69 -13.39
N GLN C 272 26.50 -2.62 -14.04
CA GLN C 272 26.59 -2.50 -15.49
C GLN C 272 27.28 -3.74 -16.07
N ASP C 273 26.72 -4.33 -17.12
CA ASP C 273 27.45 -5.39 -17.84
C ASP C 273 28.62 -4.74 -18.63
N ARG C 274 29.53 -5.56 -19.16
CA ARG C 274 30.56 -5.02 -20.05
C ARG C 274 29.91 -4.12 -21.11
N HIS C 275 28.81 -4.55 -21.72
CA HIS C 275 28.15 -3.80 -22.80
C HIS C 275 27.60 -2.41 -22.43
N GLY C 276 27.62 -2.05 -21.14
CA GLY C 276 27.28 -0.69 -20.66
C GLY C 276 25.86 -0.43 -20.15
N ARG C 277 25.23 -1.43 -19.52
CA ARG C 277 23.82 -1.27 -19.13
C ARG C 277 23.28 -2.26 -18.10
N THR C 278 22.24 -1.80 -17.42
CA THR C 278 21.86 -2.32 -16.11
C THR C 278 21.42 -3.79 -16.03
N ILE C 279 22.01 -4.50 -15.06
CA ILE C 279 21.54 -5.82 -14.62
C ILE C 279 21.05 -5.72 -13.16
N TRP C 280 19.86 -6.24 -12.89
CA TRP C 280 19.32 -6.36 -11.53
C TRP C 280 19.45 -7.82 -11.05
N PHE C 281 19.56 -8.02 -9.73
CA PHE C 281 19.87 -9.34 -9.16
C PHE C 281 19.76 -9.42 -7.63
N GLN C 282 19.94 -10.63 -7.09
CA GLN C 282 19.92 -10.89 -5.63
C GLN C 282 21.31 -10.76 -4.98
N ASP C 284 24.27 -11.39 -3.73
CA ASP C 284 25.58 -11.80 -4.26
C ASP C 284 25.67 -11.55 -5.78
N PRO C 285 26.74 -10.85 -6.22
CA PRO C 285 27.03 -10.61 -7.64
C PRO C 285 27.85 -11.70 -8.39
N GLY C 286 28.76 -12.38 -7.69
CA GLY C 286 29.64 -13.38 -8.32
C GLY C 286 31.03 -12.86 -8.70
N PRO C 287 31.92 -13.77 -9.14
CA PRO C 287 33.35 -13.44 -9.37
C PRO C 287 33.76 -12.20 -10.22
N LEU C 288 32.92 -11.74 -11.15
CA LEU C 288 33.42 -10.93 -12.27
C LEU C 288 32.79 -9.53 -12.48
N ALA C 289 33.25 -8.52 -11.78
CA ALA C 289 32.66 -7.18 -11.87
C ALA C 289 33.70 -6.05 -11.79
N PRO C 290 33.98 -5.37 -12.91
CA PRO C 290 35.10 -4.43 -12.92
C PRO C 290 34.78 -3.08 -12.28
#